data_4ILK
#
_entry.id   4ILK
#
_cell.length_a   47.322
_cell.length_b   97.133
_cell.length_c   144.101
_cell.angle_alpha   90.00
_cell.angle_beta   90.00
_cell.angle_gamma   90.00
#
_symmetry.space_group_name_H-M   'P 21 21 21'
#
loop_
_entity.id
_entity.type
_entity.pdbx_description
1 polymer 'Starvation sensing protein rspB'
2 non-polymer '1,4-DIHYDRONICOTINAMIDE ADENINE DINUCLEOTIDE'
3 non-polymer 'MANGANESE (II) ION'
4 non-polymer 'ZINC ION'
5 water water
#
_entity_poly.entity_id   1
_entity_poly.type   'polypeptide(L)'
_entity_poly.pdbx_seq_one_letter_code
;MGSSHHHHHHSSGLVPRGSHMKSILIEKPNQLSIIEREIPTPSAGEVRVKVKLAGICGSDSHIYRGHNPFAKYPRVIGHE
FFGVIDAVGEGVESARVGERVAVDPVVSCGHCYPCSIGKPNVCTTLAVLGVHADGGFSEYAVVPAKNAWKIPEAVADQYA
VMIEPFTIAANVTGHGQPTENDTVLVYGAGPIGLTIVQVLKGVYNVKNVIVADRIDERLEKAKESGADWAINNSQTPLGE
SFAEKGIKPTLIIDAACHPSILKEAVTLASPAARIVLMGFSSEPSEVIQQGITGKELSIFSSRLNANKFPVVIDWLSKGL
IKPEKLITHTFDFQHVADAISLFELDQKHCCKVLLTFSE
;
_entity_poly.pdbx_strand_id   A,B
#
# COMPACT_ATOMS: atom_id res chain seq x y z
N GLY A 18 -30.25 -12.24 -40.50
CA GLY A 18 -30.36 -13.33 -39.55
C GLY A 18 -29.06 -14.09 -39.42
N SER A 19 -28.13 -13.82 -40.34
CA SER A 19 -26.78 -14.35 -40.22
C SER A 19 -25.82 -13.19 -40.03
N HIS A 20 -26.34 -11.97 -40.14
CA HIS A 20 -25.53 -10.78 -39.89
C HIS A 20 -26.04 -9.99 -38.67
N MET A 21 -25.18 -9.13 -38.15
CA MET A 21 -25.54 -8.30 -37.00
C MET A 21 -24.78 -6.98 -37.08
N LYS A 22 -25.20 -6.01 -36.28
CA LYS A 22 -24.49 -4.74 -36.19
C LYS A 22 -23.57 -4.74 -34.98
N SER A 23 -22.37 -4.16 -35.15
CA SER A 23 -21.41 -3.93 -34.07
C SER A 23 -20.91 -2.47 -34.15
N ILE A 24 -20.55 -1.92 -33.00
CA ILE A 24 -19.98 -0.58 -32.93
C ILE A 24 -18.45 -0.67 -32.98
N LEU A 25 -17.87 -0.19 -34.07
CA LEU A 25 -16.44 -0.29 -34.31
C LEU A 25 -15.73 1.06 -34.24
N ILE A 26 -14.66 1.13 -33.46
CA ILE A 26 -13.76 2.28 -33.51
C ILE A 26 -12.64 1.92 -34.48
N GLU A 27 -12.71 2.45 -35.69
CA GLU A 27 -11.74 2.09 -36.73
C GLU A 27 -10.37 2.64 -36.41
N LYS A 28 -10.36 3.83 -35.80
CA LYS A 28 -9.16 4.57 -35.51
C LYS A 28 -9.64 5.79 -34.75
N PRO A 29 -8.71 6.61 -34.21
CA PRO A 29 -9.12 7.79 -33.45
C PRO A 29 -10.23 8.63 -34.09
N ASN A 30 -11.27 8.85 -33.29
CA ASN A 30 -12.38 9.73 -33.65
C ASN A 30 -13.27 9.19 -34.76
N GLN A 31 -13.08 7.93 -35.11
CA GLN A 31 -13.92 7.30 -36.12
C GLN A 31 -14.72 6.13 -35.56
N LEU A 32 -16.02 6.35 -35.37
CA LEU A 32 -16.91 5.30 -34.91
C LEU A 32 -17.82 4.91 -36.05
N SER A 33 -17.88 3.62 -36.35
CA SER A 33 -18.75 3.13 -37.41
C SER A 33 -19.61 1.95 -36.94
N ILE A 34 -20.89 1.99 -37.30
CA ILE A 34 -21.76 0.84 -37.08
C ILE A 34 -21.64 -0.09 -38.27
N ILE A 35 -20.97 -1.22 -38.07
CA ILE A 35 -20.69 -2.10 -39.20
C ILE A 35 -21.56 -3.36 -39.17
N GLU A 36 -21.60 -4.08 -40.29
CA GLU A 36 -22.27 -5.36 -40.35
C GLU A 36 -21.24 -6.46 -40.31
N ARG A 37 -21.47 -7.44 -39.45
CA ARG A 37 -20.57 -8.58 -39.35
C ARG A 37 -21.38 -9.85 -39.25
N GLU A 38 -20.76 -10.98 -39.56
CA GLU A 38 -21.40 -12.27 -39.34
C GLU A 38 -21.63 -12.45 -37.85
N ILE A 39 -22.79 -13.03 -37.51
CA ILE A 39 -23.04 -13.43 -36.15
C ILE A 39 -22.03 -14.52 -35.81
N PRO A 40 -21.19 -14.28 -34.80
CA PRO A 40 -20.06 -15.16 -34.47
C PRO A 40 -20.49 -16.47 -33.81
N THR A 41 -19.61 -17.45 -33.92
CA THR A 41 -19.85 -18.78 -33.39
C THR A 41 -18.88 -18.99 -32.23
N PRO A 42 -19.40 -19.37 -31.05
CA PRO A 42 -18.48 -19.57 -29.93
C PRO A 42 -17.59 -20.80 -30.11
N SER A 43 -16.33 -20.70 -29.73
CA SER A 43 -15.43 -21.84 -29.74
C SER A 43 -15.47 -22.54 -28.39
N ALA A 44 -14.57 -23.48 -28.20
CA ALA A 44 -14.49 -24.24 -26.95
C ALA A 44 -14.38 -23.31 -25.74
N GLY A 45 -15.22 -23.53 -24.74
CA GLY A 45 -15.18 -22.76 -23.51
C GLY A 45 -15.86 -21.41 -23.60
N GLU A 46 -16.45 -21.11 -24.75
CA GLU A 46 -17.09 -19.80 -24.96
C GLU A 46 -18.61 -19.89 -25.08
N VAL A 47 -19.28 -18.76 -24.87
CA VAL A 47 -20.70 -18.67 -25.15
C VAL A 47 -20.93 -17.45 -26.03
N ARG A 48 -22.03 -17.44 -26.77
CA ARG A 48 -22.42 -16.22 -27.46
C ARG A 48 -23.52 -15.58 -26.65
N VAL A 49 -23.37 -14.29 -26.38
CA VAL A 49 -24.38 -13.54 -25.67
C VAL A 49 -25.12 -12.61 -26.63
N LYS A 50 -26.45 -12.70 -26.65
CA LYS A 50 -27.27 -11.73 -27.37
C LYS A 50 -27.50 -10.56 -26.42
N VAL A 51 -26.92 -9.42 -26.74
CA VAL A 51 -26.80 -8.32 -25.78
C VAL A 51 -28.11 -7.55 -25.67
N LYS A 52 -28.51 -7.23 -24.44
CA LYS A 52 -29.71 -6.44 -24.22
C LYS A 52 -29.37 -5.05 -23.78
N LEU A 53 -28.33 -4.93 -22.95
CA LEU A 53 -27.93 -3.64 -22.41
C LEU A 53 -26.42 -3.53 -22.38
N ALA A 54 -25.91 -2.32 -22.59
CA ALA A 54 -24.51 -2.07 -22.41
C ALA A 54 -24.35 -0.71 -21.74
N GLY A 55 -23.30 -0.54 -20.95
CA GLY A 55 -23.05 0.75 -20.32
C GLY A 55 -21.87 1.47 -20.96
N ILE A 56 -21.89 2.78 -20.90
CA ILE A 56 -20.80 3.58 -21.44
C ILE A 56 -19.87 4.05 -20.33
N CYS A 57 -18.58 3.84 -20.52
CA CYS A 57 -17.61 4.25 -19.52
C CYS A 57 -16.58 5.19 -20.15
N GLY A 58 -15.77 5.82 -19.29
CA GLY A 58 -14.71 6.71 -19.72
C GLY A 58 -13.77 6.05 -20.70
N SER A 59 -13.43 4.80 -20.44
CA SER A 59 -12.49 4.07 -21.29
C SER A 59 -13.03 3.90 -22.70
N ASP A 60 -14.35 3.80 -22.82
CA ASP A 60 -14.99 3.79 -24.13
C ASP A 60 -14.71 5.10 -24.86
N SER A 61 -14.87 6.21 -24.14
CA SER A 61 -14.57 7.53 -24.68
C SER A 61 -13.11 7.65 -25.07
N HIS A 62 -12.23 7.15 -24.21
CA HIS A 62 -10.79 7.26 -24.45
C HIS A 62 -10.37 6.47 -25.68
N ILE A 63 -10.96 5.30 -25.87
CA ILE A 63 -10.66 4.51 -27.05
C ILE A 63 -11.21 5.21 -28.29
N TYR A 64 -12.43 5.74 -28.19
CA TYR A 64 -13.04 6.52 -29.28
C TYR A 64 -12.13 7.69 -29.67
N ARG A 65 -11.61 8.38 -28.67
CA ARG A 65 -10.84 9.59 -28.93
C ARG A 65 -9.36 9.32 -29.22
N GLY A 66 -8.96 8.04 -29.17
CA GLY A 66 -7.60 7.63 -29.42
C GLY A 66 -6.57 8.06 -28.37
N HIS A 67 -6.97 8.04 -27.11
CA HIS A 67 -6.10 8.51 -26.03
C HIS A 67 -4.88 7.59 -25.77
N ASN A 68 -4.93 6.36 -26.28
CA ASN A 68 -3.76 5.48 -26.29
C ASN A 68 -3.07 5.42 -27.65
N PRO A 69 -1.94 6.12 -27.78
CA PRO A 69 -1.20 6.26 -29.04
C PRO A 69 -0.73 4.92 -29.59
N TYR A 73 -6.51 -0.86 -32.75
CA TYR A 73 -7.55 -0.58 -33.73
C TYR A 73 -7.53 -1.58 -34.86
N PRO A 74 -8.71 -1.93 -35.39
CA PRO A 74 -10.04 -1.47 -34.96
C PRO A 74 -10.57 -2.31 -33.80
N ARG A 75 -11.43 -1.70 -32.99
CA ARG A 75 -11.95 -2.39 -31.80
C ARG A 75 -13.44 -2.18 -31.63
N VAL A 76 -14.15 -3.25 -31.35
CA VAL A 76 -15.52 -3.13 -30.85
C VAL A 76 -15.43 -2.85 -29.36
N ILE A 77 -15.90 -1.68 -28.95
CA ILE A 77 -15.77 -1.27 -27.56
C ILE A 77 -16.91 -1.81 -26.69
N GLY A 78 -16.90 -1.44 -25.41
CA GLY A 78 -17.95 -1.87 -24.48
C GLY A 78 -17.50 -3.00 -23.57
N HIS A 79 -17.26 -2.68 -22.30
CA HIS A 79 -16.86 -3.70 -21.34
C HIS A 79 -17.94 -3.89 -20.27
N GLU A 80 -18.98 -3.07 -20.33
CA GLU A 80 -20.09 -3.18 -19.41
C GLU A 80 -21.30 -3.67 -20.18
N PHE A 81 -21.58 -4.95 -20.12
CA PHE A 81 -22.75 -5.45 -20.86
C PHE A 81 -23.47 -6.64 -20.26
N PHE A 82 -24.74 -6.73 -20.64
CA PHE A 82 -25.67 -7.72 -20.10
C PHE A 82 -26.53 -8.25 -21.24
N GLY A 83 -26.87 -9.53 -21.18
CA GLY A 83 -27.74 -10.12 -22.19
C GLY A 83 -28.14 -11.55 -21.87
N VAL A 84 -28.46 -12.30 -22.92
CA VAL A 84 -28.90 -13.69 -22.79
C VAL A 84 -27.98 -14.61 -23.58
N ILE A 85 -27.61 -15.75 -23.01
CA ILE A 85 -26.80 -16.69 -23.77
C ILE A 85 -27.68 -17.29 -24.85
N ASP A 86 -27.23 -17.29 -26.09
CA ASP A 86 -28.05 -17.91 -27.13
C ASP A 86 -27.32 -19.02 -27.88
N ALA A 87 -26.03 -19.18 -27.59
CA ALA A 87 -25.30 -20.37 -28.04
C ALA A 87 -24.16 -20.64 -27.11
N VAL A 88 -23.75 -21.90 -27.05
CA VAL A 88 -22.61 -22.30 -26.25
C VAL A 88 -21.63 -23.07 -27.11
N GLY A 89 -20.34 -22.94 -26.81
CA GLY A 89 -19.32 -23.70 -27.51
C GLY A 89 -19.11 -25.04 -26.85
N GLU A 90 -18.18 -25.82 -27.39
CA GLU A 90 -17.90 -27.15 -26.87
C GLU A 90 -17.31 -27.07 -25.46
N GLY A 91 -17.80 -27.93 -24.57
CA GLY A 91 -17.31 -27.98 -23.21
C GLY A 91 -18.20 -27.19 -22.25
N VAL A 92 -19.15 -26.46 -22.81
CA VAL A 92 -20.07 -25.66 -22.00
C VAL A 92 -21.41 -26.38 -21.94
N GLU A 93 -22.03 -26.41 -20.76
CA GLU A 93 -23.31 -27.09 -20.61
C GLU A 93 -24.32 -26.45 -21.54
N SER A 94 -24.99 -27.27 -22.36
CA SER A 94 -25.93 -26.73 -23.32
C SER A 94 -27.13 -26.10 -22.62
N ALA A 95 -27.30 -26.45 -21.35
CA ALA A 95 -28.33 -25.87 -20.52
C ALA A 95 -28.16 -24.36 -20.26
N ARG A 96 -27.00 -23.80 -20.57
CA ARG A 96 -26.79 -22.38 -20.32
C ARG A 96 -27.54 -21.50 -21.32
N VAL A 97 -27.96 -22.08 -22.43
CA VAL A 97 -28.75 -21.36 -23.40
C VAL A 97 -30.03 -20.78 -22.77
N GLY A 98 -30.22 -19.47 -22.89
CA GLY A 98 -31.36 -18.80 -22.30
C GLY A 98 -31.05 -18.12 -20.98
N GLU A 99 -29.83 -18.33 -20.45
CA GLU A 99 -29.41 -17.70 -19.20
C GLU A 99 -29.27 -16.20 -19.31
N ARG A 100 -29.83 -15.45 -18.35
CA ARG A 100 -29.55 -14.03 -18.22
C ARG A 100 -28.18 -13.86 -17.59
N VAL A 101 -27.31 -13.09 -18.24
CA VAL A 101 -25.94 -12.98 -17.75
C VAL A 101 -25.37 -11.57 -17.87
N ALA A 102 -24.52 -11.21 -16.91
CA ALA A 102 -23.62 -10.06 -17.07
C ALA A 102 -22.21 -10.61 -17.28
N VAL A 103 -21.40 -9.91 -18.06
CA VAL A 103 -20.10 -10.44 -18.44
C VAL A 103 -18.94 -9.72 -17.78
N ASP A 104 -18.12 -10.47 -17.07
CA ASP A 104 -16.86 -9.98 -16.55
C ASP A 104 -15.92 -9.78 -17.75
N PRO A 105 -15.51 -8.52 -18.01
CA PRO A 105 -14.62 -8.26 -19.16
C PRO A 105 -13.17 -8.70 -18.91
N VAL A 106 -12.87 -9.14 -17.69
CA VAL A 106 -11.49 -9.55 -17.39
C VAL A 106 -11.17 -10.97 -17.88
N VAL A 107 -10.38 -11.05 -18.94
CA VAL A 107 -10.01 -12.34 -19.50
C VAL A 107 -8.56 -12.62 -19.15
N SER A 108 -8.35 -13.64 -18.33
CA SER A 108 -7.01 -13.93 -17.82
C SER A 108 -6.54 -15.34 -18.15
N CYS A 109 -5.23 -15.56 -18.00
CA CYS A 109 -4.56 -16.79 -18.43
C CYS A 109 -4.67 -17.92 -17.41
N GLY A 110 -4.62 -17.57 -16.14
CA GLY A 110 -4.83 -18.52 -15.07
C GLY A 110 -3.58 -19.21 -14.57
N HIS A 111 -2.43 -18.90 -15.17
CA HIS A 111 -1.20 -19.57 -14.79
C HIS A 111 -0.04 -18.65 -14.44
N CYS A 112 -0.16 -17.35 -14.73
CA CYS A 112 0.92 -16.43 -14.42
C CYS A 112 0.88 -16.06 -12.94
N TYR A 113 1.89 -15.33 -12.47
CA TYR A 113 1.96 -14.98 -11.06
C TYR A 113 0.69 -14.27 -10.53
N PRO A 114 0.27 -13.16 -11.17
CA PRO A 114 -0.94 -12.49 -10.66
C PRO A 114 -2.11 -13.45 -10.59
N CYS A 115 -2.34 -14.22 -11.65
CA CYS A 115 -3.44 -15.18 -11.62
C CYS A 115 -3.32 -16.17 -10.48
N SER A 116 -2.10 -16.62 -10.22
CA SER A 116 -1.85 -17.60 -9.16
C SER A 116 -2.17 -17.05 -7.77
N ILE A 117 -2.10 -15.73 -7.61
CA ILE A 117 -2.46 -15.12 -6.33
C ILE A 117 -3.85 -14.47 -6.37
N GLY A 118 -4.67 -14.90 -7.32
CA GLY A 118 -6.04 -14.45 -7.36
C GLY A 118 -6.19 -13.01 -7.80
N LYS A 119 -5.29 -12.58 -8.68
CA LYS A 119 -5.38 -11.24 -9.25
C LYS A 119 -5.40 -11.31 -10.78
N PRO A 120 -6.44 -11.94 -11.37
CA PRO A 120 -6.55 -12.00 -12.84
C PRO A 120 -6.69 -10.62 -13.49
N ASN A 121 -7.09 -9.64 -12.70
CA ASN A 121 -7.22 -8.27 -13.17
C ASN A 121 -5.90 -7.63 -13.65
N VAL A 122 -4.78 -8.22 -13.24
CA VAL A 122 -3.49 -7.79 -13.79
C VAL A 122 -2.69 -8.99 -14.32
N CYS A 123 -3.40 -10.00 -14.80
CA CYS A 123 -2.82 -11.11 -15.55
C CYS A 123 -1.75 -10.58 -16.52
N THR A 124 -0.60 -11.24 -16.60
CA THR A 124 0.47 -10.74 -17.46
C THR A 124 0.04 -10.67 -18.92
N THR A 125 -0.91 -11.52 -19.33
CA THR A 125 -1.49 -11.40 -20.68
C THR A 125 -2.97 -11.04 -20.66
N LEU A 126 -3.34 -10.20 -19.70
CA LEU A 126 -4.69 -9.69 -19.58
C LEU A 126 -5.21 -9.19 -20.92
N ALA A 127 -6.44 -9.56 -21.24
CA ALA A 127 -7.19 -8.91 -22.30
C ALA A 127 -8.53 -8.46 -21.72
N VAL A 128 -8.87 -7.19 -21.92
CA VAL A 128 -10.15 -6.69 -21.43
C VAL A 128 -11.13 -6.57 -22.59
N LEU A 129 -12.25 -7.28 -22.49
CA LEU A 129 -13.30 -7.19 -23.49
C LEU A 129 -13.76 -5.75 -23.66
N GLY A 130 -13.77 -5.27 -24.90
CA GLY A 130 -14.15 -3.90 -25.17
C GLY A 130 -12.95 -2.97 -25.11
N VAL A 131 -11.77 -3.55 -24.89
CA VAL A 131 -10.52 -2.80 -24.88
C VAL A 131 -9.45 -3.47 -25.73
N HIS A 132 -8.99 -4.64 -25.30
CA HIS A 132 -7.93 -5.35 -26.00
C HIS A 132 -8.50 -6.34 -26.98
N ALA A 133 -9.78 -6.65 -26.81
CA ALA A 133 -10.47 -7.60 -27.67
C ALA A 133 -11.88 -7.09 -27.82
N ASP A 134 -12.57 -7.53 -28.85
CA ASP A 134 -13.92 -7.05 -29.14
C ASP A 134 -14.90 -7.28 -27.99
N GLY A 135 -15.71 -6.26 -27.73
CA GLY A 135 -16.57 -6.22 -26.57
C GLY A 135 -18.06 -6.24 -26.84
N GLY A 136 -18.82 -5.57 -25.97
CA GLY A 136 -20.27 -5.72 -25.92
C GLY A 136 -21.13 -4.69 -26.62
N PHE A 137 -20.52 -3.69 -27.25
CA PHE A 137 -21.29 -2.75 -28.09
C PHE A 137 -21.59 -3.44 -29.42
N SER A 138 -22.45 -4.46 -29.36
CA SER A 138 -22.65 -5.36 -30.47
C SER A 138 -23.88 -6.19 -30.15
N GLU A 139 -24.68 -6.48 -31.17
CA GLU A 139 -25.92 -7.22 -30.95
C GLU A 139 -25.65 -8.60 -30.38
N TYR A 140 -24.52 -9.19 -30.78
CA TYR A 140 -24.05 -10.44 -30.20
C TYR A 140 -22.59 -10.30 -29.91
N ALA A 141 -22.12 -11.02 -28.89
CA ALA A 141 -20.70 -11.04 -28.56
C ALA A 141 -20.37 -12.41 -28.02
N VAL A 142 -19.19 -12.89 -28.37
CA VAL A 142 -18.70 -14.16 -27.86
C VAL A 142 -17.73 -13.88 -26.73
N VAL A 143 -17.85 -14.62 -25.63
CA VAL A 143 -17.06 -14.38 -24.42
C VAL A 143 -16.75 -15.72 -23.77
N PRO A 144 -15.73 -15.77 -22.88
CA PRO A 144 -15.54 -17.05 -22.19
C PRO A 144 -16.73 -17.39 -21.31
N ALA A 145 -17.07 -18.67 -21.28
CA ALA A 145 -18.22 -19.15 -20.53
C ALA A 145 -18.05 -18.79 -19.08
N LYS A 146 -16.81 -18.90 -18.59
CA LYS A 146 -16.58 -18.63 -17.17
C LYS A 146 -16.71 -17.16 -16.83
N ASN A 147 -16.78 -16.30 -17.86
CA ASN A 147 -16.92 -14.86 -17.64
C ASN A 147 -18.37 -14.38 -17.64
N ALA A 148 -19.27 -15.26 -18.07
CA ALA A 148 -20.70 -14.89 -18.10
C ALA A 148 -21.38 -15.35 -16.83
N TRP A 149 -21.85 -14.38 -16.05
CA TRP A 149 -22.42 -14.66 -14.74
C TRP A 149 -23.95 -14.61 -14.73
N LYS A 150 -24.57 -15.70 -14.32
CA LYS A 150 -26.03 -15.79 -14.23
C LYS A 150 -26.61 -14.76 -13.28
N ILE A 151 -27.64 -14.05 -13.74
CA ILE A 151 -28.29 -13.03 -12.94
C ILE A 151 -29.58 -13.58 -12.36
N PRO A 152 -29.77 -13.44 -11.04
CA PRO A 152 -31.02 -13.91 -10.41
C PRO A 152 -32.23 -13.23 -11.04
N GLU A 153 -33.34 -13.95 -11.13
CA GLU A 153 -34.55 -13.43 -11.73
C GLU A 153 -34.99 -12.12 -11.09
N ALA A 154 -34.77 -12.00 -9.79
CA ALA A 154 -35.22 -10.82 -9.03
C ALA A 154 -34.39 -9.56 -9.30
N VAL A 155 -33.25 -9.73 -9.95
CA VAL A 155 -32.40 -8.58 -10.26
C VAL A 155 -32.71 -8.03 -11.68
N ALA A 156 -33.10 -6.77 -11.75
CA ALA A 156 -33.55 -6.16 -13.00
C ALA A 156 -32.41 -6.04 -14.00
N ASP A 157 -32.77 -6.08 -15.29
CA ASP A 157 -31.81 -5.96 -16.39
C ASP A 157 -30.85 -4.79 -16.20
N GLN A 158 -31.40 -3.63 -15.87
CA GLN A 158 -30.57 -2.42 -15.75
C GLN A 158 -29.67 -2.42 -14.51
N TYR A 159 -30.03 -3.21 -13.50
CA TYR A 159 -29.17 -3.42 -12.34
C TYR A 159 -28.03 -4.32 -12.76
N ALA A 160 -28.36 -5.41 -13.43
CA ALA A 160 -27.36 -6.39 -13.85
C ALA A 160 -26.27 -5.77 -14.73
N VAL A 161 -26.67 -4.86 -15.61
CA VAL A 161 -25.70 -4.25 -16.52
C VAL A 161 -24.75 -3.35 -15.76
N MET A 162 -25.16 -2.94 -14.55
CA MET A 162 -24.32 -2.11 -13.71
C MET A 162 -23.33 -2.89 -12.85
N ILE A 163 -23.30 -4.20 -13.03
CA ILE A 163 -22.42 -5.03 -12.19
C ILE A 163 -20.94 -4.65 -12.34
N GLU A 164 -20.48 -4.48 -13.57
CA GLU A 164 -19.07 -4.17 -13.77
C GLU A 164 -18.63 -2.87 -13.06
N PRO A 165 -19.39 -1.77 -13.21
CA PRO A 165 -19.03 -0.59 -12.42
C PRO A 165 -19.02 -0.87 -10.90
N PHE A 166 -19.95 -1.68 -10.40
CA PHE A 166 -19.93 -1.95 -8.98
C PHE A 166 -18.76 -2.87 -8.57
N THR A 167 -18.28 -3.68 -9.51
CA THR A 167 -17.12 -4.51 -9.20
C THR A 167 -15.87 -3.67 -9.03
N ILE A 168 -15.79 -2.57 -9.77
CA ILE A 168 -14.73 -1.59 -9.53
C ILE A 168 -14.78 -1.14 -8.05
N ALA A 169 -15.98 -0.84 -7.57
CA ALA A 169 -16.14 -0.40 -6.18
C ALA A 169 -15.76 -1.54 -5.22
N ALA A 170 -16.16 -2.76 -5.56
CA ALA A 170 -15.84 -3.91 -4.74
C ALA A 170 -14.34 -4.08 -4.65
N ASN A 171 -13.66 -3.94 -5.78
CA ASN A 171 -12.20 -4.09 -5.84
C ASN A 171 -11.50 -3.06 -4.99
N VAL A 172 -11.93 -1.82 -5.13
CA VAL A 172 -11.36 -0.72 -4.37
C VAL A 172 -11.53 -0.89 -2.87
N THR A 173 -12.74 -1.23 -2.43
CA THR A 173 -13.01 -1.38 -1.01
C THR A 173 -12.35 -2.66 -0.47
N GLY A 174 -12.19 -3.65 -1.34
CA GLY A 174 -11.39 -4.83 -1.01
C GLY A 174 -9.99 -4.47 -0.52
N HIS A 175 -9.36 -3.49 -1.16
CA HIS A 175 -8.03 -3.05 -0.71
C HIS A 175 -8.14 -2.20 0.54
N GLY A 176 -9.11 -1.28 0.55
CA GLY A 176 -9.24 -0.32 1.64
C GLY A 176 -9.71 -0.91 2.95
N GLN A 177 -10.47 -2.00 2.88
CA GLN A 177 -11.06 -2.66 4.04
C GLN A 177 -11.77 -1.66 4.98
N PRO A 178 -12.82 -1.02 4.47
CA PRO A 178 -13.46 0.05 5.26
C PRO A 178 -14.13 -0.51 6.52
N THR A 179 -14.02 0.21 7.64
CA THR A 179 -14.69 -0.17 8.87
C THR A 179 -15.79 0.85 9.16
N GLU A 180 -16.74 0.48 10.01
CA GLU A 180 -17.86 1.35 10.33
C GLU A 180 -17.42 2.69 10.89
N ASN A 181 -16.31 2.68 11.63
CA ASN A 181 -15.84 3.89 12.27
C ASN A 181 -14.78 4.63 11.51
N ASP A 182 -14.46 4.13 10.31
CA ASP A 182 -13.51 4.83 9.42
C ASP A 182 -14.02 6.21 9.08
N THR A 183 -13.12 7.17 8.97
CA THR A 183 -13.47 8.45 8.37
C THR A 183 -12.99 8.44 6.92
N VAL A 184 -13.95 8.29 6.00
CA VAL A 184 -13.59 8.08 4.61
C VAL A 184 -13.77 9.33 3.76
N LEU A 185 -12.73 9.65 2.98
CA LEU A 185 -12.82 10.67 1.96
C LEU A 185 -12.79 10.03 0.57
N VAL A 186 -13.80 10.29 -0.25
CA VAL A 186 -13.77 9.91 -1.66
C VAL A 186 -13.61 11.15 -2.55
N TYR A 187 -12.53 11.21 -3.33
CA TYR A 187 -12.40 12.25 -4.34
C TYR A 187 -13.22 11.85 -5.55
N GLY A 188 -14.12 12.74 -5.98
CA GLY A 188 -14.85 12.52 -7.22
C GLY A 188 -16.24 11.94 -7.04
N ALA A 189 -17.24 12.67 -7.55
CA ALA A 189 -18.61 12.20 -7.50
C ALA A 189 -19.13 11.90 -8.91
N GLY A 190 -18.24 11.47 -9.78
CA GLY A 190 -18.67 10.90 -11.04
C GLY A 190 -19.25 9.53 -10.77
N PRO A 191 -19.68 8.84 -11.83
CA PRO A 191 -20.22 7.48 -11.72
C PRO A 191 -19.35 6.54 -10.89
N ILE A 192 -18.03 6.63 -11.01
CA ILE A 192 -17.14 5.73 -10.26
C ILE A 192 -17.18 6.04 -8.77
N GLY A 193 -16.97 7.31 -8.42
CA GLY A 193 -17.06 7.76 -7.05
C GLY A 193 -18.38 7.43 -6.40
N LEU A 194 -19.48 7.59 -7.13
CA LEU A 194 -20.81 7.30 -6.59
C LEU A 194 -21.00 5.80 -6.26
N THR A 195 -20.52 4.90 -7.11
CA THR A 195 -20.59 3.47 -6.77
C THR A 195 -19.83 3.19 -5.46
N ILE A 196 -18.69 3.84 -5.28
CA ILE A 196 -17.88 3.70 -4.08
C ILE A 196 -18.66 4.15 -2.85
N VAL A 197 -19.32 5.30 -2.97
CA VAL A 197 -20.12 5.83 -1.87
C VAL A 197 -21.21 4.86 -1.46
N GLN A 198 -21.87 4.28 -2.46
CA GLN A 198 -22.95 3.34 -2.19
C GLN A 198 -22.45 2.12 -1.45
N VAL A 199 -21.30 1.61 -1.88
CA VAL A 199 -20.74 0.40 -1.27
C VAL A 199 -20.26 0.70 0.15
N LEU A 200 -19.57 1.82 0.34
CA LEU A 200 -19.19 2.26 1.67
C LEU A 200 -20.39 2.34 2.65
N LYS A 201 -21.45 3.01 2.22
CA LYS A 201 -22.63 3.16 3.05
C LYS A 201 -23.40 1.85 3.19
N GLY A 202 -23.74 1.26 2.05
CA GLY A 202 -24.65 0.13 2.03
C GLY A 202 -24.07 -1.24 2.33
N VAL A 203 -22.78 -1.42 2.13
CA VAL A 203 -22.16 -2.71 2.38
C VAL A 203 -21.33 -2.68 3.66
N TYR A 204 -20.56 -1.62 3.82
CA TYR A 204 -19.62 -1.54 4.94
C TYR A 204 -20.13 -0.70 6.12
N ASN A 205 -21.30 -0.10 5.95
CA ASN A 205 -21.93 0.72 6.99
C ASN A 205 -20.99 1.73 7.61
N VAL A 206 -20.21 2.37 6.74
CA VAL A 206 -19.32 3.41 7.17
C VAL A 206 -20.17 4.62 7.61
N LYS A 207 -19.90 5.13 8.80
CA LYS A 207 -20.76 6.17 9.39
C LYS A 207 -20.46 7.54 8.82
N ASN A 208 -19.23 7.76 8.40
CA ASN A 208 -18.84 9.05 7.93
C ASN A 208 -18.16 8.98 6.57
N VAL A 209 -18.94 9.16 5.51
CA VAL A 209 -18.37 9.25 4.17
C VAL A 209 -18.38 10.69 3.66
N ILE A 210 -17.18 11.22 3.43
CA ILE A 210 -17.00 12.54 2.88
C ILE A 210 -16.65 12.44 1.38
N VAL A 211 -17.35 13.22 0.55
CA VAL A 211 -17.05 13.27 -0.88
C VAL A 211 -16.68 14.68 -1.32
N ALA A 212 -15.57 14.78 -2.04
CA ALA A 212 -15.16 16.04 -2.65
C ALA A 212 -15.33 16.00 -4.18
N ASP A 213 -15.79 17.12 -4.73
CA ASP A 213 -15.90 17.29 -6.17
C ASP A 213 -15.95 18.77 -6.48
N ARG A 214 -15.72 19.11 -7.75
CA ARG A 214 -15.69 20.51 -8.17
C ARG A 214 -17.08 20.96 -8.65
N ILE A 215 -17.99 20.01 -8.83
CA ILE A 215 -19.30 20.31 -9.42
C ILE A 215 -20.44 20.06 -8.44
N ASP A 216 -21.20 21.11 -8.14
CA ASP A 216 -22.30 21.06 -7.17
C ASP A 216 -23.33 20.00 -7.49
N GLU A 217 -23.72 19.88 -8.75
CA GLU A 217 -24.76 18.92 -9.14
C GLU A 217 -24.38 17.48 -8.80
N ARG A 218 -23.09 17.17 -8.90
CA ARG A 218 -22.62 15.83 -8.60
C ARG A 218 -22.52 15.60 -7.09
N LEU A 219 -22.15 16.64 -6.36
CA LEU A 219 -22.13 16.58 -4.90
C LEU A 219 -23.53 16.26 -4.39
N GLU A 220 -24.53 16.81 -5.08
CA GLU A 220 -25.91 16.52 -4.72
C GLU A 220 -26.23 15.06 -5.02
N LYS A 221 -25.68 14.54 -6.11
CA LYS A 221 -25.89 13.13 -6.38
C LYS A 221 -25.20 12.25 -5.33
N ALA A 222 -24.05 12.71 -4.86
CA ALA A 222 -23.32 11.97 -3.83
C ALA A 222 -24.16 11.85 -2.57
N LYS A 223 -24.78 12.95 -2.17
CA LYS A 223 -25.70 12.93 -1.03
C LYS A 223 -26.85 11.95 -1.23
N GLU A 224 -27.44 11.96 -2.42
CA GLU A 224 -28.52 11.05 -2.76
C GLU A 224 -28.09 9.57 -2.69
N SER A 225 -26.81 9.32 -2.97
CA SER A 225 -26.28 7.96 -2.88
C SER A 225 -25.74 7.57 -1.50
N GLY A 226 -25.79 8.51 -0.54
CA GLY A 226 -25.45 8.20 0.83
C GLY A 226 -24.36 9.02 1.49
N ALA A 227 -23.73 9.92 0.75
CA ALA A 227 -22.64 10.70 1.31
C ALA A 227 -23.09 11.52 2.51
N ASP A 228 -22.24 11.60 3.53
CA ASP A 228 -22.61 12.30 4.75
C ASP A 228 -22.24 13.78 4.71
N TRP A 229 -21.16 14.07 3.98
CA TRP A 229 -20.71 15.44 3.78
C TRP A 229 -20.19 15.59 2.36
N ALA A 230 -20.79 16.49 1.59
CA ALA A 230 -20.38 16.71 0.21
C ALA A 230 -19.72 18.08 0.08
N ILE A 231 -18.41 18.10 -0.17
CA ILE A 231 -17.66 19.34 -0.16
C ILE A 231 -17.18 19.72 -1.55
N ASN A 232 -17.51 20.94 -1.96
CA ASN A 232 -16.91 21.49 -3.17
C ASN A 232 -15.56 22.09 -2.87
N ASN A 233 -14.51 21.53 -3.47
CA ASN A 233 -13.18 22.09 -3.26
C ASN A 233 -12.68 22.83 -4.49
N SER A 234 -13.60 23.35 -5.31
CA SER A 234 -13.18 24.08 -6.50
C SER A 234 -12.51 25.39 -6.12
N GLN A 235 -12.96 25.98 -5.01
CA GLN A 235 -12.40 27.26 -4.57
C GLN A 235 -11.64 27.16 -3.26
N THR A 236 -12.23 26.51 -2.27
CA THR A 236 -11.55 26.34 -1.00
C THR A 236 -10.90 24.97 -0.99
N PRO A 237 -9.61 24.90 -0.68
CA PRO A 237 -8.96 23.58 -0.60
C PRO A 237 -9.44 22.76 0.60
N LEU A 238 -9.41 21.44 0.44
CA LEU A 238 -9.90 20.54 1.47
C LEU A 238 -9.15 20.71 2.78
N GLY A 239 -7.87 21.05 2.68
CA GLY A 239 -7.03 21.31 3.84
C GLY A 239 -7.68 22.33 4.76
N GLU A 240 -8.25 23.37 4.17
CA GLU A 240 -8.85 24.43 4.95
C GLU A 240 -10.12 23.94 5.63
N SER A 241 -11.01 23.32 4.87
CA SER A 241 -12.29 22.89 5.40
C SER A 241 -12.10 21.78 6.43
N PHE A 242 -11.12 20.92 6.18
CA PHE A 242 -10.85 19.82 7.11
C PHE A 242 -10.22 20.33 8.40
N ALA A 243 -9.30 21.28 8.28
CA ALA A 243 -8.68 21.91 9.45
C ALA A 243 -9.76 22.52 10.34
N GLU A 244 -10.73 23.18 9.72
CA GLU A 244 -11.80 23.84 10.46
C GLU A 244 -12.64 22.87 11.29
N LYS A 245 -12.87 21.70 10.72
CA LYS A 245 -13.68 20.69 11.38
C LYS A 245 -12.86 19.71 12.20
N GLY A 246 -11.54 19.78 12.07
CA GLY A 246 -10.64 18.86 12.74
C GLY A 246 -10.78 17.47 12.15
N ILE A 247 -10.86 17.40 10.82
CA ILE A 247 -11.02 16.13 10.13
C ILE A 247 -9.70 15.63 9.56
N LYS A 248 -9.38 14.37 9.84
CA LYS A 248 -8.25 13.68 9.21
C LYS A 248 -8.68 12.27 8.82
N PRO A 249 -9.02 12.08 7.53
CA PRO A 249 -9.56 10.82 7.03
C PRO A 249 -8.63 9.64 7.30
N THR A 250 -9.20 8.48 7.56
CA THR A 250 -8.43 7.28 7.84
C THR A 250 -8.37 6.39 6.59
N LEU A 251 -9.26 6.64 5.64
CA LEU A 251 -9.26 5.95 4.36
C LEU A 251 -9.59 6.97 3.31
N ILE A 252 -8.72 7.08 2.32
CA ILE A 252 -8.91 8.05 1.24
C ILE A 252 -8.90 7.33 -0.09
N ILE A 253 -9.98 7.50 -0.86
CA ILE A 253 -10.11 6.85 -2.17
C ILE A 253 -10.11 7.92 -3.26
N ASP A 254 -9.18 7.81 -4.21
CA ASP A 254 -9.10 8.75 -5.31
C ASP A 254 -9.85 8.24 -6.54
N ALA A 255 -11.10 8.66 -6.66
CA ALA A 255 -11.89 8.36 -7.84
C ALA A 255 -12.04 9.61 -8.73
N ALA A 256 -11.11 10.54 -8.60
CA ALA A 256 -11.05 11.68 -9.52
C ALA A 256 -9.81 11.55 -10.41
N CYS A 257 -8.66 11.34 -9.78
CA CYS A 257 -7.45 10.82 -10.41
C CYS A 257 -6.55 11.83 -11.13
N HIS A 258 -6.79 13.13 -10.95
CA HIS A 258 -5.78 14.08 -11.37
C HIS A 258 -4.49 13.71 -10.64
N PRO A 259 -3.34 13.80 -11.33
CA PRO A 259 -2.11 13.30 -10.71
C PRO A 259 -1.66 14.04 -9.44
N SER A 260 -2.18 15.25 -9.24
CA SER A 260 -1.81 16.05 -8.07
C SER A 260 -2.52 15.63 -6.76
N ILE A 261 -3.58 14.84 -6.89
CA ILE A 261 -4.42 14.46 -5.76
C ILE A 261 -3.65 13.65 -4.70
N LEU A 262 -2.78 12.76 -5.15
CA LEU A 262 -2.07 11.86 -4.23
C LEU A 262 -1.30 12.64 -3.16
N LYS A 263 -0.55 13.64 -3.61
CA LYS A 263 0.23 14.45 -2.70
C LYS A 263 -0.67 15.16 -1.71
N GLU A 264 -1.83 15.62 -2.16
CA GLU A 264 -2.77 16.26 -1.25
C GLU A 264 -3.34 15.26 -0.26
N ALA A 265 -3.72 14.08 -0.77
CA ALA A 265 -4.27 13.01 0.06
C ALA A 265 -3.31 12.67 1.20
N VAL A 266 -2.03 12.60 0.88
CA VAL A 266 -1.05 12.28 1.90
C VAL A 266 -1.05 13.32 3.05
N THR A 267 -1.12 14.60 2.71
CA THR A 267 -1.11 15.64 3.75
C THR A 267 -2.40 15.58 4.59
N LEU A 268 -3.52 15.27 3.95
CA LEU A 268 -4.79 15.22 4.67
C LEU A 268 -4.94 14.00 5.55
N ALA A 269 -4.26 12.92 5.19
CA ALA A 269 -4.43 11.64 5.86
C ALA A 269 -4.14 11.68 7.36
N SER A 270 -4.96 10.98 8.13
CA SER A 270 -4.60 10.64 9.50
C SER A 270 -3.31 9.82 9.50
N PRO A 271 -2.54 9.84 10.61
CA PRO A 271 -1.47 8.84 10.68
C PRO A 271 -2.08 7.45 10.64
N ALA A 272 -1.35 6.48 10.07
CA ALA A 272 -1.81 5.10 9.90
C ALA A 272 -2.95 4.94 8.89
N ALA A 273 -3.29 6.02 8.18
CA ALA A 273 -4.36 5.95 7.18
C ALA A 273 -3.96 5.09 5.98
N ARG A 274 -4.93 4.70 5.17
CA ARG A 274 -4.60 4.16 3.87
C ARG A 274 -5.28 4.91 2.73
N ILE A 275 -4.67 4.85 1.56
CA ILE A 275 -5.12 5.56 0.39
C ILE A 275 -5.29 4.54 -0.73
N VAL A 276 -6.37 4.63 -1.48
CA VAL A 276 -6.53 3.77 -2.66
C VAL A 276 -6.59 4.61 -3.94
N LEU A 277 -5.61 4.39 -4.82
CA LEU A 277 -5.51 5.08 -6.11
C LEU A 277 -6.24 4.34 -7.22
N MET A 278 -6.94 5.06 -8.09
CA MET A 278 -7.62 4.39 -9.20
C MET A 278 -7.19 4.90 -10.57
N GLY A 279 -6.26 5.85 -10.60
CA GLY A 279 -6.00 6.60 -11.80
C GLY A 279 -4.88 6.03 -12.65
N PHE A 280 -4.88 6.38 -13.94
CA PHE A 280 -3.84 5.88 -14.84
C PHE A 280 -3.09 7.02 -15.50
N SER A 281 -2.97 8.16 -14.82
CA SER A 281 -2.32 9.33 -15.43
C SER A 281 -0.89 9.01 -15.86
N SER A 282 -0.54 9.46 -17.05
CA SER A 282 0.80 9.27 -17.59
C SER A 282 1.66 10.46 -17.20
N GLU A 283 1.02 11.46 -16.60
CA GLU A 283 1.76 12.63 -16.10
C GLU A 283 2.26 12.31 -14.71
N PRO A 284 3.33 13.00 -14.28
CA PRO A 284 3.96 12.64 -13.01
C PRO A 284 3.18 13.11 -11.79
N SER A 285 3.17 12.30 -10.74
CA SER A 285 2.73 12.72 -9.42
C SER A 285 3.97 12.92 -8.56
N GLU A 286 3.99 14.00 -7.79
CA GLU A 286 5.08 14.24 -6.85
C GLU A 286 4.65 13.90 -5.42
N VAL A 287 5.39 13.04 -4.75
CA VAL A 287 5.15 12.81 -3.34
C VAL A 287 6.44 12.92 -2.59
N ILE A 288 6.32 13.28 -1.32
CA ILE A 288 7.48 13.39 -0.45
C ILE A 288 7.39 12.27 0.59
N GLN A 289 8.39 11.40 0.61
CA GLN A 289 8.34 10.21 1.43
C GLN A 289 8.28 10.51 2.93
N GLN A 290 8.91 11.61 3.33
CA GLN A 290 8.85 12.07 4.72
C GLN A 290 7.41 12.07 5.21
N GLY A 291 6.52 12.57 4.37
CA GLY A 291 5.10 12.66 4.69
C GLY A 291 4.35 11.35 4.61
N ILE A 292 4.90 10.38 3.90
CA ILE A 292 4.26 9.07 3.79
C ILE A 292 4.72 8.18 4.94
N THR A 293 6.02 7.96 5.02
CA THR A 293 6.59 7.10 6.02
C THR A 293 6.38 7.66 7.44
N GLY A 294 6.39 8.98 7.56
CA GLY A 294 6.15 9.64 8.84
C GLY A 294 4.84 9.25 9.49
N LYS A 295 3.84 9.01 8.66
CA LYS A 295 2.51 8.60 9.08
C LYS A 295 2.28 7.10 8.85
N GLU A 296 3.30 6.38 8.41
CA GLU A 296 3.16 4.97 7.98
C GLU A 296 1.89 4.74 7.15
N LEU A 297 1.73 5.51 6.08
CA LEU A 297 0.58 5.33 5.21
C LEU A 297 0.78 4.11 4.32
N SER A 298 -0.33 3.53 3.90
CA SER A 298 -0.32 2.47 2.91
C SER A 298 -0.98 3.06 1.68
N ILE A 299 -0.39 2.86 0.51
CA ILE A 299 -0.98 3.35 -0.72
C ILE A 299 -1.27 2.19 -1.67
N PHE A 300 -2.55 1.86 -1.78
CA PHE A 300 -3.02 0.80 -2.63
C PHE A 300 -3.44 1.36 -3.96
N SER A 301 -3.49 0.48 -4.96
CA SER A 301 -4.09 0.84 -6.23
C SER A 301 -5.08 -0.25 -6.61
N SER A 302 -6.00 0.08 -7.50
CA SER A 302 -7.06 -0.86 -7.86
C SER A 302 -7.24 -0.79 -9.36
N ARG A 303 -7.23 -1.94 -10.01
CA ARG A 303 -7.49 -2.00 -11.44
C ARG A 303 -8.55 -3.06 -11.74
N LEU A 304 -9.61 -2.67 -12.45
CA LEU A 304 -10.64 -3.62 -12.86
C LEU A 304 -11.19 -4.38 -11.64
N ASN A 305 -11.41 -5.68 -11.77
CA ASN A 305 -11.89 -6.43 -10.64
C ASN A 305 -11.27 -7.81 -10.56
N ALA A 306 -10.97 -8.24 -9.34
CA ALA A 306 -10.46 -9.58 -9.11
C ALA A 306 -11.62 -10.49 -8.69
N ASN A 307 -12.29 -11.09 -9.66
CA ASN A 307 -13.40 -12.02 -9.40
C ASN A 307 -14.52 -11.47 -8.53
N LYS A 308 -14.91 -10.21 -8.75
CA LYS A 308 -15.90 -9.56 -7.90
C LYS A 308 -17.35 -9.68 -8.40
N PHE A 309 -17.55 -10.33 -9.55
CA PHE A 309 -18.93 -10.50 -10.04
C PHE A 309 -19.87 -11.19 -9.06
N PRO A 310 -19.48 -12.38 -8.52
CA PRO A 310 -20.33 -13.02 -7.52
C PRO A 310 -20.56 -12.16 -6.26
N VAL A 311 -19.55 -11.41 -5.84
CA VAL A 311 -19.67 -10.53 -4.69
C VAL A 311 -20.76 -9.47 -4.91
N VAL A 312 -20.68 -8.79 -6.05
CA VAL A 312 -21.63 -7.75 -6.36
C VAL A 312 -23.03 -8.33 -6.59
N ILE A 313 -23.10 -9.48 -7.26
CA ILE A 313 -24.37 -10.14 -7.48
C ILE A 313 -25.06 -10.42 -6.13
N ASP A 314 -24.26 -10.84 -5.15
CA ASP A 314 -24.77 -11.04 -3.80
C ASP A 314 -25.28 -9.73 -3.19
N TRP A 315 -24.53 -8.64 -3.37
CA TRP A 315 -24.97 -7.35 -2.86
C TRP A 315 -26.32 -6.94 -3.48
N LEU A 316 -26.49 -7.26 -4.76
CA LEU A 316 -27.74 -6.93 -5.46
C LEU A 316 -28.92 -7.74 -4.91
N SER A 317 -28.70 -9.02 -4.68
CA SER A 317 -29.73 -9.88 -4.10
C SER A 317 -30.20 -9.34 -2.75
N LYS A 318 -29.28 -8.70 -2.03
CA LYS A 318 -29.56 -8.24 -0.68
C LYS A 318 -29.95 -6.76 -0.63
N GLY A 319 -29.99 -6.12 -1.79
CA GLY A 319 -30.44 -4.73 -1.87
C GLY A 319 -29.50 -3.71 -1.25
N LEU A 320 -28.22 -4.06 -1.14
CA LEU A 320 -27.25 -3.22 -0.46
C LEU A 320 -26.78 -2.02 -1.29
N ILE A 321 -27.00 -2.09 -2.60
CA ILE A 321 -26.63 -1.01 -3.51
C ILE A 321 -27.84 -0.65 -4.38
N LYS A 322 -27.81 0.55 -4.96
CA LYS A 322 -28.97 1.04 -5.72
C LYS A 322 -28.56 1.61 -7.07
N PRO A 323 -28.37 0.75 -8.07
CA PRO A 323 -27.87 1.20 -9.39
C PRO A 323 -28.78 2.23 -10.05
N GLU A 324 -30.09 2.13 -9.80
CA GLU A 324 -31.05 3.04 -10.44
C GLU A 324 -30.74 4.51 -10.17
N LYS A 325 -30.09 4.79 -9.04
CA LYS A 325 -29.73 6.17 -8.71
C LYS A 325 -28.66 6.73 -9.64
N LEU A 326 -27.98 5.87 -10.38
CA LEU A 326 -26.85 6.32 -11.20
C LEU A 326 -27.22 6.42 -12.69
N ILE A 327 -28.25 5.69 -13.10
CA ILE A 327 -28.68 5.67 -14.49
C ILE A 327 -29.49 6.92 -14.81
N THR A 328 -28.99 7.75 -15.71
CA THR A 328 -29.64 9.02 -16.04
C THR A 328 -30.25 9.03 -17.45
N HIS A 329 -29.66 8.28 -18.37
CA HIS A 329 -30.09 8.29 -19.77
C HIS A 329 -29.97 6.91 -20.39
N THR A 330 -30.82 6.63 -21.38
CA THR A 330 -30.64 5.48 -22.26
C THR A 330 -30.82 5.89 -23.73
N PHE A 331 -30.04 5.27 -24.60
CA PHE A 331 -30.12 5.50 -26.05
C PHE A 331 -30.14 4.14 -26.71
N ASP A 332 -30.87 4.00 -27.81
CA ASP A 332 -30.69 2.83 -28.65
C ASP A 332 -29.24 2.82 -29.13
N PHE A 333 -28.70 1.63 -29.34
CA PHE A 333 -27.26 1.50 -29.61
C PHE A 333 -26.84 2.17 -30.92
N GLN A 334 -27.78 2.32 -31.84
CA GLN A 334 -27.49 3.02 -33.09
C GLN A 334 -27.15 4.49 -32.86
N HIS A 335 -27.59 5.05 -31.74
CA HIS A 335 -27.26 6.43 -31.41
C HIS A 335 -26.09 6.56 -30.44
N VAL A 336 -25.20 5.59 -30.46
CA VAL A 336 -24.07 5.55 -29.52
C VAL A 336 -23.20 6.82 -29.56
N ALA A 337 -22.97 7.36 -30.76
CA ALA A 337 -22.14 8.55 -30.92
C ALA A 337 -22.74 9.73 -30.15
N ASP A 338 -24.04 9.91 -30.29
CA ASP A 338 -24.79 10.91 -29.53
C ASP A 338 -24.68 10.64 -28.04
N ALA A 339 -24.78 9.36 -27.69
CA ALA A 339 -24.76 8.92 -26.31
C ALA A 339 -23.41 9.24 -25.66
N ILE A 340 -22.32 8.81 -26.29
CA ILE A 340 -20.98 9.11 -25.79
C ILE A 340 -20.74 10.61 -25.71
N SER A 341 -21.18 11.35 -26.72
CA SER A 341 -20.95 12.79 -26.73
C SER A 341 -21.62 13.45 -25.53
N LEU A 342 -22.86 13.04 -25.25
CA LEU A 342 -23.59 13.55 -24.09
C LEU A 342 -22.89 13.17 -22.80
N PHE A 343 -22.28 12.00 -22.79
CA PHE A 343 -21.51 11.52 -21.64
C PHE A 343 -20.26 12.40 -21.45
N GLU A 344 -19.64 12.80 -22.56
CA GLU A 344 -18.43 13.62 -22.53
C GLU A 344 -18.71 15.08 -22.20
N LEU A 345 -19.69 15.67 -22.87
CA LEU A 345 -20.19 16.96 -22.48
C LEU A 345 -21.07 16.72 -21.24
N ASP A 346 -21.64 17.77 -20.66
CA ASP A 346 -22.64 17.60 -19.59
C ASP A 346 -22.22 16.75 -18.37
N GLN A 347 -21.34 17.31 -17.55
CA GLN A 347 -21.02 16.69 -16.27
C GLN A 347 -22.14 16.88 -15.26
N LYS A 348 -22.97 17.90 -15.48
CA LYS A 348 -24.01 18.32 -14.54
C LYS A 348 -25.19 17.36 -14.37
N HIS A 349 -25.76 16.90 -15.47
CA HIS A 349 -27.04 16.20 -15.42
C HIS A 349 -26.99 14.80 -16.00
N CYS A 350 -25.78 14.32 -16.23
CA CYS A 350 -25.58 13.01 -16.83
C CYS A 350 -24.61 12.22 -15.95
N CYS A 351 -24.99 10.99 -15.61
CA CYS A 351 -24.13 10.15 -14.78
C CYS A 351 -23.77 8.90 -15.57
N LYS A 352 -24.63 7.89 -15.50
CA LYS A 352 -24.43 6.67 -16.26
C LYS A 352 -25.43 6.58 -17.41
N VAL A 353 -24.91 6.35 -18.60
CA VAL A 353 -25.74 6.22 -19.81
C VAL A 353 -25.73 4.78 -20.29
N LEU A 354 -26.90 4.24 -20.58
CA LEU A 354 -26.98 2.87 -21.10
C LEU A 354 -27.35 2.85 -22.57
N LEU A 355 -26.89 1.81 -23.28
CA LEU A 355 -27.31 1.54 -24.64
C LEU A 355 -28.27 0.36 -24.64
N THR A 356 -29.38 0.49 -25.37
CA THR A 356 -30.37 -0.56 -25.49
C THR A 356 -30.30 -1.27 -26.83
N PHE A 357 -30.77 -2.52 -26.88
CA PHE A 357 -30.73 -3.30 -28.12
C PHE A 357 -32.08 -3.97 -28.40
N GLY B 18 27.07 7.05 45.03
CA GLY B 18 26.05 6.35 44.28
C GLY B 18 24.78 7.17 44.10
N SER B 19 24.96 8.44 43.77
CA SER B 19 23.84 9.35 43.63
C SER B 19 23.79 9.94 42.23
N HIS B 20 24.90 9.84 41.51
CA HIS B 20 24.99 10.44 40.17
C HIS B 20 25.40 9.45 39.09
N MET B 21 25.36 9.90 37.84
CA MET B 21 25.65 9.02 36.71
C MET B 21 26.13 9.85 35.53
N LYS B 22 26.69 9.17 34.54
CA LYS B 22 27.13 9.83 33.32
C LYS B 22 26.12 9.61 32.19
N SER B 23 25.91 10.65 31.40
CA SER B 23 25.02 10.57 30.25
C SER B 23 25.65 11.27 29.04
N ILE B 24 25.51 10.67 27.86
CA ILE B 24 26.02 11.28 26.65
C ILE B 24 24.97 12.24 26.10
N LEU B 25 25.29 13.52 26.14
CA LEU B 25 24.32 14.55 25.80
C LEU B 25 24.73 15.30 24.54
N ILE B 26 23.79 15.47 23.62
CA ILE B 26 24.02 16.33 22.49
C ILE B 26 23.44 17.70 22.81
N GLU B 27 24.30 18.66 23.11
CA GLU B 27 23.86 20.00 23.50
C GLU B 27 23.27 20.77 22.33
N LYS B 28 23.91 20.61 21.18
CA LYS B 28 23.53 21.29 19.97
C LYS B 28 24.28 20.53 18.90
N PRO B 29 23.96 20.77 17.62
CA PRO B 29 24.73 20.15 16.54
C PRO B 29 26.25 20.17 16.77
N ASN B 30 26.85 18.98 16.70
CA ASN B 30 28.29 18.79 16.85
C ASN B 30 28.87 19.16 18.21
N GLN B 31 28.03 19.47 19.18
CA GLN B 31 28.50 19.48 20.56
C GLN B 31 27.96 18.28 21.32
N LEU B 32 28.84 17.34 21.64
CA LEU B 32 28.50 16.16 22.41
C LEU B 32 29.34 16.20 23.67
N SER B 33 28.69 16.20 24.84
CA SER B 33 29.41 16.12 26.10
C SER B 33 28.95 14.93 26.91
N ILE B 34 29.88 14.30 27.61
CA ILE B 34 29.52 13.36 28.66
C ILE B 34 29.33 14.18 29.93
N ILE B 35 28.08 14.45 30.27
CA ILE B 35 27.76 15.24 31.46
C ILE B 35 27.42 14.32 32.62
N GLU B 36 27.40 14.90 33.82
CA GLU B 36 27.02 14.12 34.99
C GLU B 36 25.66 14.54 35.52
N ARG B 37 24.81 13.56 35.79
CA ARG B 37 23.44 13.82 36.20
C ARG B 37 23.08 12.98 37.41
N GLU B 38 22.07 13.46 38.14
CA GLU B 38 21.45 12.68 39.19
C GLU B 38 20.84 11.40 38.63
N ILE B 39 20.98 10.31 39.35
CA ILE B 39 20.30 9.09 38.95
C ILE B 39 18.81 9.32 39.09
N PRO B 40 18.06 9.06 38.01
CA PRO B 40 16.63 9.33 37.97
C PRO B 40 15.81 8.30 38.73
N THR B 41 14.68 8.76 39.25
CA THR B 41 13.74 7.91 39.96
C THR B 41 12.56 7.62 39.04
N PRO B 42 12.14 6.35 38.95
CA PRO B 42 11.00 6.06 38.09
C PRO B 42 9.69 6.43 38.76
N SER B 43 8.82 7.12 38.01
CA SER B 43 7.47 7.44 38.46
C SER B 43 6.57 6.25 38.24
N ALA B 44 5.27 6.45 38.48
CA ALA B 44 4.30 5.38 38.32
C ALA B 44 4.39 4.79 36.93
N GLY B 45 4.29 3.47 36.84
CA GLY B 45 4.31 2.76 35.57
C GLY B 45 5.65 2.74 34.86
N GLU B 46 6.70 3.23 35.54
CA GLU B 46 8.05 3.25 34.95
C GLU B 46 9.01 2.29 35.66
N VAL B 47 10.10 1.95 34.99
CA VAL B 47 11.24 1.28 35.61
C VAL B 47 12.51 2.03 35.29
N ARG B 48 13.55 1.78 36.07
CA ARG B 48 14.87 2.29 35.77
C ARG B 48 15.77 1.15 35.30
N VAL B 49 16.49 1.39 34.23
CA VAL B 49 17.40 0.39 33.68
C VAL B 49 18.84 0.85 33.83
N LYS B 50 19.65 0.03 34.45
CA LYS B 50 21.09 0.23 34.47
C LYS B 50 21.61 -0.37 33.17
N VAL B 51 22.08 0.49 32.27
CA VAL B 51 22.35 0.05 30.90
C VAL B 51 23.65 -0.73 30.76
N LYS B 52 23.60 -1.82 30.00
CA LYS B 52 24.77 -2.64 29.69
C LYS B 52 25.34 -2.36 28.31
N LEU B 53 24.46 -2.29 27.32
CA LEU B 53 24.85 -2.06 25.94
C LEU B 53 23.92 -1.10 25.25
N ALA B 54 24.45 -0.32 24.34
CA ALA B 54 23.62 0.51 23.49
C ALA B 54 24.17 0.40 22.08
N GLY B 55 23.31 0.56 21.07
CA GLY B 55 23.75 0.53 19.70
C GLY B 55 23.74 1.90 19.05
N ILE B 56 24.59 2.10 18.04
CA ILE B 56 24.62 3.34 17.31
C ILE B 56 23.86 3.22 16.00
N CYS B 57 22.94 4.14 15.75
CA CYS B 57 22.15 4.12 14.52
C CYS B 57 22.30 5.45 13.77
N GLY B 58 21.87 5.45 12.51
CA GLY B 58 21.85 6.66 11.71
C GLY B 58 21.19 7.83 12.41
N SER B 59 20.07 7.58 13.09
CA SER B 59 19.34 8.65 13.77
C SER B 59 20.18 9.32 14.86
N ASP B 60 21.10 8.57 15.45
CA ASP B 60 21.99 9.13 16.45
C ASP B 60 22.93 10.11 15.78
N SER B 61 23.50 9.68 14.66
CA SER B 61 24.39 10.50 13.87
C SER B 61 23.70 11.79 13.42
N HIS B 62 22.47 11.66 12.90
CA HIS B 62 21.72 12.79 12.38
C HIS B 62 21.39 13.84 13.42
N ILE B 63 21.18 13.41 14.66
CA ILE B 63 20.88 14.33 15.75
C ILE B 63 22.15 15.02 16.21
N TYR B 64 23.22 14.23 16.35
CA TYR B 64 24.55 14.72 16.66
C TYR B 64 24.95 15.80 15.65
N ARG B 65 24.92 15.44 14.36
CA ARG B 65 25.26 16.38 13.29
C ARG B 65 24.12 17.36 12.99
N GLY B 66 23.13 17.40 13.86
CA GLY B 66 22.07 18.40 13.83
C GLY B 66 21.30 18.57 12.53
N HIS B 67 20.86 17.46 11.94
CA HIS B 67 20.20 17.50 10.64
C HIS B 67 18.69 17.76 10.71
N ASN B 68 18.13 17.87 11.91
CA ASN B 68 16.69 17.99 12.06
C ASN B 68 16.21 19.31 12.69
N LYS B 72 15.20 18.86 19.05
CA LYS B 72 15.18 19.63 20.28
C LYS B 72 16.40 19.32 21.13
N TYR B 73 17.01 20.36 21.70
CA TYR B 73 18.26 20.22 22.43
C TYR B 73 18.16 20.82 23.83
N PRO B 74 18.93 20.25 24.78
CA PRO B 74 19.85 19.13 24.60
C PRO B 74 19.12 17.79 24.65
N ARG B 75 19.77 16.72 24.21
CA ARG B 75 19.11 15.42 24.12
C ARG B 75 20.11 14.31 24.32
N VAL B 76 19.85 13.41 25.26
CA VAL B 76 20.66 12.21 25.27
C VAL B 76 20.08 11.19 24.29
N ILE B 77 20.92 10.79 23.35
CA ILE B 77 20.50 9.96 22.25
C ILE B 77 20.57 8.47 22.61
N GLY B 78 20.35 7.61 21.61
CA GLY B 78 20.38 6.18 21.82
C GLY B 78 19.00 5.57 22.00
N HIS B 79 18.52 4.85 20.99
CA HIS B 79 17.20 4.24 21.04
C HIS B 79 17.33 2.72 20.96
N GLU B 80 18.57 2.25 20.88
CA GLU B 80 18.86 0.82 20.87
C GLU B 80 19.61 0.51 22.14
N PHE B 81 18.92 -0.01 23.15
CA PHE B 81 19.63 -0.29 24.39
C PHE B 81 19.07 -1.43 25.20
N PHE B 82 19.96 -1.99 26.02
CA PHE B 82 19.71 -3.21 26.77
C PHE B 82 20.36 -3.09 28.14
N GLY B 83 19.70 -3.59 29.17
CA GLY B 83 20.28 -3.57 30.49
C GLY B 83 19.47 -4.34 31.52
N VAL B 84 19.61 -3.94 32.78
CA VAL B 84 18.99 -4.66 33.88
C VAL B 84 18.15 -3.72 34.71
N ILE B 85 16.90 -4.09 34.98
CA ILE B 85 16.06 -3.26 35.83
C ILE B 85 16.62 -3.23 37.26
N ASP B 86 16.98 -2.05 37.74
CA ASP B 86 17.49 -1.93 39.10
C ASP B 86 16.44 -1.37 40.07
N ALA B 87 15.43 -0.68 39.53
CA ALA B 87 14.35 -0.14 40.36
C ALA B 87 13.07 -0.02 39.55
N VAL B 88 11.94 -0.17 40.24
CA VAL B 88 10.63 -0.05 39.61
C VAL B 88 9.83 1.07 40.23
N GLY B 89 8.93 1.63 39.43
CA GLY B 89 8.11 2.73 39.89
C GLY B 89 6.86 2.17 40.52
N GLU B 90 6.04 3.07 41.04
CA GLU B 90 4.81 2.70 41.71
C GLU B 90 3.84 1.98 40.76
N GLY B 91 3.23 0.91 41.22
CA GLY B 91 2.31 0.14 40.40
C GLY B 91 3.00 -0.93 39.58
N VAL B 92 4.33 -1.01 39.68
CA VAL B 92 5.11 -2.02 38.98
C VAL B 92 5.58 -3.09 39.97
N GLU B 93 5.45 -4.35 39.59
CA GLU B 93 5.86 -5.46 40.46
C GLU B 93 7.35 -5.40 40.77
N SER B 94 7.69 -5.35 42.05
CA SER B 94 9.10 -5.23 42.44
C SER B 94 9.89 -6.49 42.12
N ALA B 95 9.19 -7.57 41.79
CA ALA B 95 9.85 -8.79 41.32
C ALA B 95 10.65 -8.53 40.04
N ARG B 96 10.29 -7.48 39.33
CA ARG B 96 10.91 -7.13 38.05
C ARG B 96 12.33 -6.64 38.23
N VAL B 97 12.66 -6.13 39.41
CA VAL B 97 14.04 -5.75 39.68
C VAL B 97 14.95 -6.95 39.44
N GLY B 98 16.00 -6.76 38.64
CA GLY B 98 16.90 -7.84 38.32
C GLY B 98 16.72 -8.40 36.92
N GLU B 99 15.62 -8.07 36.27
CA GLU B 99 15.37 -8.61 34.93
C GLU B 99 16.34 -8.05 33.88
N ARG B 100 16.77 -8.91 32.97
CA ARG B 100 17.49 -8.48 31.79
C ARG B 100 16.45 -8.01 30.78
N VAL B 101 16.58 -6.79 30.29
CA VAL B 101 15.56 -6.20 29.42
C VAL B 101 16.15 -5.45 28.22
N ALA B 102 15.51 -5.60 27.06
CA ALA B 102 15.72 -4.69 25.95
C ALA B 102 14.56 -3.69 25.91
N VAL B 103 14.86 -2.44 25.59
CA VAL B 103 13.84 -1.41 25.66
C VAL B 103 13.30 -0.97 24.29
N ASP B 104 11.99 -1.08 24.13
CA ASP B 104 11.31 -0.54 22.96
C ASP B 104 11.27 0.98 23.13
N PRO B 105 11.89 1.72 22.21
CA PRO B 105 11.99 3.17 22.35
C PRO B 105 10.70 3.87 21.96
N VAL B 106 9.78 3.17 21.33
CA VAL B 106 8.51 3.78 20.93
C VAL B 106 7.60 3.98 22.14
N VAL B 107 7.44 5.24 22.58
CA VAL B 107 6.52 5.54 23.68
C VAL B 107 5.21 6.09 23.15
N SER B 108 4.12 5.39 23.45
CA SER B 108 2.82 5.72 22.87
C SER B 108 1.77 5.95 23.94
N CYS B 109 0.71 6.65 23.57
CA CYS B 109 -0.32 7.06 24.53
C CYS B 109 -1.32 5.94 24.81
N GLY B 110 -1.49 5.06 23.81
CA GLY B 110 -2.33 3.89 23.96
C GLY B 110 -3.82 4.10 23.72
N HIS B 111 -4.23 5.31 23.39
CA HIS B 111 -5.65 5.61 23.21
C HIS B 111 -6.02 6.40 21.94
N CYS B 112 -5.04 6.92 21.20
CA CYS B 112 -5.37 7.70 20.00
C CYS B 112 -5.79 6.75 18.86
N TYR B 113 -6.15 7.30 17.71
CA TYR B 113 -6.55 6.46 16.57
C TYR B 113 -5.47 5.41 16.20
N PRO B 114 -4.23 5.85 15.88
CA PRO B 114 -3.19 4.87 15.53
C PRO B 114 -2.97 3.83 16.63
N CYS B 115 -2.95 4.28 17.87
CA CYS B 115 -2.79 3.33 18.98
C CYS B 115 -3.93 2.33 19.06
N SER B 116 -5.14 2.76 18.75
CA SER B 116 -6.30 1.89 18.87
C SER B 116 -6.33 0.80 17.80
N ILE B 117 -5.57 0.97 16.73
CA ILE B 117 -5.53 -0.04 15.69
C ILE B 117 -4.19 -0.76 15.66
N GLY B 118 -3.48 -0.65 16.78
CA GLY B 118 -2.24 -1.38 16.97
C GLY B 118 -1.06 -0.77 16.24
N LYS B 119 -1.08 0.54 16.04
CA LYS B 119 0.04 1.25 15.43
C LYS B 119 0.65 2.32 16.33
N PRO B 120 1.20 1.92 17.50
CA PRO B 120 1.76 2.90 18.43
C PRO B 120 2.94 3.64 17.82
N ASN B 121 3.56 3.04 16.81
CA ASN B 121 4.69 3.65 16.10
C ASN B 121 4.36 4.96 15.36
N VAL B 122 3.07 5.25 15.16
CA VAL B 122 2.67 6.56 14.63
C VAL B 122 1.62 7.23 15.55
N CYS B 123 1.71 6.92 16.85
CA CYS B 123 0.89 7.58 17.87
C CYS B 123 0.90 9.11 17.71
N THR B 124 -0.26 9.75 17.91
CA THR B 124 -0.36 11.20 17.73
C THR B 124 0.56 11.98 18.66
N THR B 125 0.95 11.37 19.77
CA THR B 125 1.89 12.01 20.69
C THR B 125 3.11 11.13 20.91
N LEU B 126 3.49 10.43 19.84
CA LEU B 126 4.66 9.57 19.83
C LEU B 126 5.86 10.28 20.42
N ALA B 127 6.58 9.60 21.30
CA ALA B 127 7.91 10.02 21.70
C ALA B 127 8.85 8.82 21.56
N VAL B 128 9.95 9.01 20.85
CA VAL B 128 10.96 7.97 20.73
C VAL B 128 12.11 8.28 21.66
N LEU B 129 12.39 7.35 22.57
CA LEU B 129 13.53 7.48 23.46
C LEU B 129 14.81 7.59 22.64
N GLY B 130 15.66 8.56 22.99
CA GLY B 130 16.89 8.78 22.24
C GLY B 130 16.65 9.66 21.02
N VAL B 131 15.42 10.13 20.86
CA VAL B 131 15.07 11.06 19.80
C VAL B 131 14.28 12.26 20.35
N HIS B 132 13.04 12.04 20.77
CA HIS B 132 12.19 13.11 21.30
C HIS B 132 12.29 13.22 22.82
N ALA B 133 12.88 12.21 23.44
CA ALA B 133 13.07 12.20 24.88
C ALA B 133 14.40 11.52 25.13
N ASP B 134 14.95 11.72 26.33
CA ASP B 134 16.28 11.19 26.65
C ASP B 134 16.30 9.66 26.57
N GLY B 135 17.37 9.13 26.02
CA GLY B 135 17.46 7.71 25.72
C GLY B 135 18.53 6.93 26.45
N GLY B 136 19.10 5.96 25.74
CA GLY B 136 19.94 4.95 26.34
C GLY B 136 21.45 5.16 26.41
N PHE B 137 21.96 6.22 25.79
CA PHE B 137 23.39 6.54 25.93
C PHE B 137 23.61 7.15 27.31
N SER B 138 23.43 6.33 28.33
CA SER B 138 23.39 6.81 29.71
C SER B 138 23.47 5.60 30.63
N GLU B 139 24.19 5.75 31.73
CA GLU B 139 24.40 4.63 32.64
C GLU B 139 23.09 4.13 33.25
N TYR B 140 22.13 5.03 33.38
CA TYR B 140 20.77 4.66 33.78
C TYR B 140 19.78 5.41 32.90
N ALA B 141 18.68 4.74 32.58
CA ALA B 141 17.57 5.35 31.87
C ALA B 141 16.26 4.97 32.53
N VAL B 142 15.35 5.91 32.64
CA VAL B 142 14.02 5.61 33.12
C VAL B 142 13.10 5.42 31.91
N VAL B 143 12.32 4.33 31.91
CA VAL B 143 11.49 4.00 30.76
C VAL B 143 10.13 3.46 31.23
N PRO B 144 9.11 3.52 30.35
CA PRO B 144 7.85 2.88 30.74
C PRO B 144 8.03 1.37 30.98
N ALA B 145 7.40 0.88 32.03
CA ALA B 145 7.52 -0.52 32.43
C ALA B 145 7.17 -1.45 31.28
N LYS B 146 6.13 -1.07 30.53
CA LYS B 146 5.64 -1.92 29.46
C LYS B 146 6.62 -1.94 28.28
N ASN B 147 7.55 -0.98 28.26
CA ASN B 147 8.53 -0.91 27.17
C ASN B 147 9.78 -1.73 27.44
N ALA B 148 9.91 -2.22 28.67
CA ALA B 148 11.07 -3.02 29.05
C ALA B 148 10.72 -4.49 28.92
N TRP B 149 11.33 -5.14 27.94
CA TRP B 149 10.99 -6.53 27.61
C TRP B 149 12.02 -7.53 28.13
N LYS B 150 11.57 -8.48 28.95
CA LYS B 150 12.47 -9.46 29.54
C LYS B 150 13.13 -10.36 28.49
N ILE B 151 14.46 -10.46 28.55
CA ILE B 151 15.20 -11.32 27.64
C ILE B 151 15.53 -12.67 28.28
N PRO B 152 15.18 -13.78 27.60
CA PRO B 152 15.51 -15.14 28.08
C PRO B 152 17.01 -15.30 28.29
N GLU B 153 17.38 -16.06 29.32
CA GLU B 153 18.79 -16.23 29.65
C GLU B 153 19.64 -16.74 28.48
N ALA B 154 19.07 -17.60 27.64
CA ALA B 154 19.83 -18.19 26.52
C ALA B 154 20.20 -17.15 25.46
N VAL B 155 19.50 -16.03 25.45
CA VAL B 155 19.75 -14.99 24.47
C VAL B 155 20.82 -14.05 25.01
N ALA B 156 21.96 -14.01 24.33
CA ALA B 156 23.11 -13.22 24.75
C ALA B 156 22.85 -11.72 24.73
N ASP B 157 23.55 -11.00 25.62
CA ASP B 157 23.44 -9.54 25.74
C ASP B 157 23.59 -8.85 24.40
N GLN B 158 24.59 -9.26 23.63
CA GLN B 158 24.89 -8.59 22.37
C GLN B 158 23.80 -8.81 21.34
N TYR B 159 23.08 -9.92 21.45
CA TYR B 159 21.98 -10.16 20.53
C TYR B 159 20.78 -9.34 20.98
N ALA B 160 20.59 -9.27 22.30
CA ALA B 160 19.49 -8.50 22.89
C ALA B 160 19.51 -7.03 22.52
N VAL B 161 20.69 -6.40 22.57
CA VAL B 161 20.82 -5.00 22.19
C VAL B 161 20.40 -4.76 20.73
N MET B 162 20.47 -5.82 19.91
CA MET B 162 20.12 -5.75 18.49
C MET B 162 18.62 -5.95 18.21
N ILE B 163 17.82 -6.11 19.24
CA ILE B 163 16.40 -6.35 19.02
C ILE B 163 15.74 -5.20 18.27
N GLU B 164 16.05 -3.97 18.68
CA GLU B 164 15.43 -2.82 18.05
C GLU B 164 15.69 -2.75 16.54
N PRO B 165 16.95 -2.92 16.09
CA PRO B 165 17.17 -3.01 14.64
C PRO B 165 16.36 -4.13 13.96
N PHE B 166 16.30 -5.30 14.58
CA PHE B 166 15.52 -6.38 13.99
C PHE B 166 14.00 -6.12 14.02
N THR B 167 13.55 -5.24 14.93
CA THR B 167 12.11 -4.92 14.93
C THR B 167 11.76 -4.05 13.72
N ILE B 168 12.75 -3.30 13.24
CA ILE B 168 12.57 -2.58 11.98
C ILE B 168 12.32 -3.61 10.86
N ALA B 169 13.19 -4.62 10.77
CA ALA B 169 12.98 -5.72 9.81
C ALA B 169 11.63 -6.42 9.99
N ALA B 170 11.25 -6.67 11.24
CA ALA B 170 9.98 -7.32 11.54
C ALA B 170 8.81 -6.47 11.07
N ASN B 171 8.91 -5.16 11.29
CA ASN B 171 7.85 -4.25 10.91
C ASN B 171 7.72 -4.19 9.40
N VAL B 172 8.85 -4.05 8.71
CA VAL B 172 8.89 -4.02 7.25
C VAL B 172 8.33 -5.29 6.61
N THR B 173 8.78 -6.45 7.09
CA THR B 173 8.31 -7.71 6.54
C THR B 173 6.86 -7.96 6.94
N GLY B 174 6.44 -7.40 8.07
CA GLY B 174 5.06 -7.52 8.48
C GLY B 174 4.12 -6.86 7.47
N HIS B 175 4.55 -5.74 6.90
CA HIS B 175 3.78 -5.10 5.83
C HIS B 175 3.83 -5.91 4.53
N GLY B 176 5.03 -6.37 4.18
CA GLY B 176 5.22 -7.08 2.92
C GLY B 176 4.65 -8.49 2.85
N GLN B 177 4.50 -9.15 4.00
CA GLN B 177 3.96 -10.53 4.05
C GLN B 177 4.71 -11.52 3.12
N PRO B 178 6.02 -11.69 3.33
CA PRO B 178 6.77 -12.47 2.34
C PRO B 178 6.32 -13.93 2.35
N THR B 179 6.24 -14.54 1.18
CA THR B 179 5.97 -15.98 1.07
C THR B 179 7.25 -16.71 0.64
N GLU B 180 7.26 -18.04 0.79
CA GLU B 180 8.47 -18.81 0.45
C GLU B 180 8.76 -18.67 -1.03
N ASN B 181 7.71 -18.47 -1.82
CA ASN B 181 7.85 -18.40 -3.27
C ASN B 181 8.02 -17.00 -3.84
N ASP B 182 8.05 -15.99 -2.97
CA ASP B 182 8.25 -14.61 -3.41
C ASP B 182 9.62 -14.43 -4.05
N THR B 183 9.70 -13.57 -5.04
CA THR B 183 10.98 -13.07 -5.51
C THR B 183 11.18 -11.70 -4.89
N VAL B 184 12.09 -11.60 -3.94
CA VAL B 184 12.24 -10.40 -3.13
C VAL B 184 13.49 -9.59 -3.49
N LEU B 185 13.28 -8.32 -3.80
CA LEU B 185 14.40 -7.41 -4.01
C LEU B 185 14.54 -6.49 -2.81
N VAL B 186 15.72 -6.47 -2.20
CA VAL B 186 16.01 -5.49 -1.15
C VAL B 186 17.06 -4.47 -1.64
N TYR B 187 16.67 -3.21 -1.75
CA TYR B 187 17.63 -2.15 -2.03
C TYR B 187 18.40 -1.82 -0.78
N GLY B 188 19.72 -1.95 -0.82
CA GLY B 188 20.56 -1.51 0.28
C GLY B 188 21.07 -2.64 1.15
N ALA B 189 22.38 -2.68 1.35
CA ALA B 189 23.00 -3.72 2.15
C ALA B 189 23.74 -3.12 3.35
N GLY B 190 23.26 -1.99 3.84
CA GLY B 190 23.68 -1.48 5.13
C GLY B 190 23.06 -2.31 6.24
N PRO B 191 23.28 -1.92 7.52
CA PRO B 191 22.74 -2.60 8.69
C PRO B 191 21.27 -2.96 8.51
N ILE B 192 20.48 -2.01 8.02
CA ILE B 192 19.04 -2.17 7.98
C ILE B 192 18.65 -3.24 6.96
N GLY B 193 19.14 -3.04 5.73
CA GLY B 193 18.96 -4.01 4.67
C GLY B 193 19.37 -5.42 5.12
N LEU B 194 20.45 -5.53 5.88
CA LEU B 194 20.93 -6.85 6.28
C LEU B 194 20.04 -7.56 7.30
N THR B 195 19.50 -6.83 8.27
CA THR B 195 18.56 -7.43 9.19
C THR B 195 17.37 -7.96 8.40
N ILE B 196 17.00 -7.24 7.36
CA ILE B 196 15.87 -7.63 6.54
C ILE B 196 16.15 -8.93 5.75
N VAL B 197 17.33 -9.02 5.15
CA VAL B 197 17.78 -10.26 4.50
C VAL B 197 17.69 -11.46 5.45
N GLN B 198 18.21 -11.28 6.66
CA GLN B 198 18.14 -12.31 7.69
C GLN B 198 16.71 -12.74 8.04
N VAL B 199 15.78 -11.79 8.16
CA VAL B 199 14.40 -12.15 8.47
C VAL B 199 13.73 -12.87 7.29
N LEU B 200 13.99 -12.36 6.09
CA LEU B 200 13.46 -12.95 4.87
C LEU B 200 13.91 -14.42 4.75
N LYS B 201 15.21 -14.66 4.95
CA LYS B 201 15.73 -16.02 4.83
C LYS B 201 15.35 -16.92 5.99
N GLY B 202 15.61 -16.45 7.21
CA GLY B 202 15.53 -17.29 8.38
C GLY B 202 14.17 -17.44 9.02
N VAL B 203 13.31 -16.42 8.85
CA VAL B 203 11.97 -16.45 9.43
C VAL B 203 10.96 -16.87 8.38
N TYR B 204 11.05 -16.25 7.20
CA TYR B 204 10.06 -16.47 6.16
C TYR B 204 10.47 -17.51 5.11
N ASN B 205 11.71 -17.98 5.20
CA ASN B 205 12.23 -18.98 4.25
C ASN B 205 11.95 -18.62 2.79
N VAL B 206 12.05 -17.34 2.49
CA VAL B 206 11.99 -16.90 1.11
C VAL B 206 13.12 -17.55 0.30
N LYS B 207 12.75 -18.17 -0.82
CA LYS B 207 13.71 -18.95 -1.62
C LYS B 207 14.67 -18.08 -2.41
N ASN B 208 14.20 -16.91 -2.81
CA ASN B 208 14.98 -16.06 -3.69
C ASN B 208 15.04 -14.62 -3.18
N VAL B 209 16.09 -14.31 -2.43
CA VAL B 209 16.29 -12.97 -1.94
C VAL B 209 17.40 -12.30 -2.73
N ILE B 210 17.05 -11.21 -3.41
CA ILE B 210 17.99 -10.44 -4.20
C ILE B 210 18.29 -9.14 -3.47
N VAL B 211 19.58 -8.80 -3.38
CA VAL B 211 20.00 -7.58 -2.69
C VAL B 211 20.86 -6.70 -3.59
N ALA B 212 20.53 -5.40 -3.62
CA ALA B 212 21.22 -4.46 -4.49
C ALA B 212 21.96 -3.39 -3.69
N ASP B 213 23.17 -3.09 -4.12
CA ASP B 213 23.97 -2.04 -3.50
C ASP B 213 25.05 -1.65 -4.50
N ARG B 214 25.89 -0.68 -4.12
CA ARG B 214 26.98 -0.22 -4.99
C ARG B 214 28.33 -0.59 -4.42
N ILE B 215 28.33 -1.07 -3.18
CA ILE B 215 29.54 -1.39 -2.44
C ILE B 215 29.75 -2.90 -2.31
N ASP B 216 30.79 -3.40 -2.97
CA ASP B 216 31.00 -4.85 -3.05
C ASP B 216 31.16 -5.53 -1.71
N GLU B 217 31.73 -4.82 -0.73
CA GLU B 217 31.96 -5.42 0.57
C GLU B 217 30.65 -5.62 1.31
N ARG B 218 29.69 -4.76 1.04
CA ARG B 218 28.38 -4.90 1.69
C ARG B 218 27.60 -6.02 1.02
N LEU B 219 27.76 -6.16 -0.28
CA LEU B 219 27.11 -7.24 -1.02
C LEU B 219 27.63 -8.58 -0.52
N GLU B 220 28.92 -8.65 -0.22
CA GLU B 220 29.50 -9.87 0.33
C GLU B 220 28.87 -10.15 1.68
N LYS B 221 28.67 -9.09 2.45
CA LYS B 221 28.05 -9.24 3.76
C LYS B 221 26.59 -9.69 3.59
N ALA B 222 25.95 -9.27 2.51
CA ALA B 222 24.57 -9.66 2.26
C ALA B 222 24.49 -11.16 1.98
N LYS B 223 25.42 -11.65 1.17
CA LYS B 223 25.55 -13.08 0.92
C LYS B 223 25.73 -13.84 2.22
N GLU B 224 26.62 -13.34 3.07
CA GLU B 224 26.93 -14.00 4.33
C GLU B 224 25.70 -14.05 5.23
N SER B 225 24.80 -13.08 5.05
CA SER B 225 23.55 -13.04 5.84
C SER B 225 22.41 -13.80 5.16
N GLY B 226 22.66 -14.27 3.94
CA GLY B 226 21.78 -15.24 3.33
C GLY B 226 21.19 -14.85 1.99
N ALA B 227 21.62 -13.72 1.44
CA ALA B 227 21.13 -13.28 0.13
C ALA B 227 21.47 -14.32 -0.92
N ASP B 228 20.55 -14.54 -1.85
CA ASP B 228 20.77 -15.50 -2.94
C ASP B 228 21.46 -14.89 -4.14
N TRP B 229 21.27 -13.60 -4.33
CA TRP B 229 21.89 -12.89 -5.42
C TRP B 229 22.20 -11.49 -4.94
N ALA B 230 23.49 -11.18 -4.88
CA ALA B 230 23.93 -9.85 -4.48
C ALA B 230 24.38 -9.12 -5.74
N ILE B 231 23.61 -8.11 -6.14
CA ILE B 231 23.83 -7.45 -7.43
C ILE B 231 24.26 -5.99 -7.24
N ASN B 232 25.42 -5.66 -7.80
CA ASN B 232 25.92 -4.29 -7.79
C ASN B 232 25.25 -3.51 -8.90
N ASN B 233 24.61 -2.39 -8.55
CA ASN B 233 23.97 -1.57 -9.57
C ASN B 233 24.63 -0.19 -9.71
N SER B 234 25.90 -0.09 -9.34
CA SER B 234 26.63 1.17 -9.47
C SER B 234 26.97 1.50 -10.93
N GLN B 235 26.99 0.46 -11.77
CA GLN B 235 27.36 0.62 -13.18
C GLN B 235 26.30 0.11 -14.15
N THR B 236 25.80 -1.10 -13.94
CA THR B 236 24.70 -1.59 -14.74
C THR B 236 23.42 -1.43 -13.93
N PRO B 237 22.39 -0.81 -14.52
CA PRO B 237 21.14 -0.66 -13.79
C PRO B 237 20.45 -2.01 -13.61
N LEU B 238 19.65 -2.12 -12.56
CA LEU B 238 18.99 -3.36 -12.20
C LEU B 238 18.11 -3.84 -13.34
N GLY B 239 17.49 -2.90 -14.05
CA GLY B 239 16.64 -3.24 -15.18
C GLY B 239 17.32 -4.13 -16.21
N GLU B 240 18.58 -3.81 -16.52
CA GLU B 240 19.34 -4.63 -17.47
C GLU B 240 19.68 -5.99 -16.88
N SER B 241 20.21 -5.97 -15.65
CA SER B 241 20.52 -7.19 -14.95
C SER B 241 19.30 -8.10 -14.83
N PHE B 242 18.15 -7.53 -14.49
CA PHE B 242 16.94 -8.35 -14.33
C PHE B 242 16.37 -8.84 -15.67
N ALA B 243 16.42 -7.98 -16.68
CA ALA B 243 15.91 -8.34 -18.00
C ALA B 243 16.64 -9.57 -18.50
N GLU B 244 17.92 -9.64 -18.18
CA GLU B 244 18.76 -10.74 -18.63
C GLU B 244 18.38 -12.06 -17.97
N LYS B 245 17.99 -12.01 -16.70
CA LYS B 245 17.62 -13.23 -16.00
C LYS B 245 16.12 -13.51 -16.05
N GLY B 246 15.36 -12.58 -16.60
CA GLY B 246 13.90 -12.68 -16.59
C GLY B 246 13.28 -12.47 -15.21
N ILE B 247 13.92 -11.64 -14.39
CA ILE B 247 13.47 -11.44 -13.02
C ILE B 247 12.51 -10.27 -12.91
N LYS B 248 11.36 -10.51 -12.29
CA LYS B 248 10.40 -9.47 -11.95
C LYS B 248 9.95 -9.65 -10.50
N PRO B 249 10.52 -8.85 -9.57
CA PRO B 249 10.29 -9.04 -8.14
C PRO B 249 8.83 -8.88 -7.76
N THR B 250 8.37 -9.73 -6.84
CA THR B 250 6.99 -9.70 -6.36
C THR B 250 6.89 -8.93 -5.04
N LEU B 251 8.02 -8.75 -4.38
CA LEU B 251 8.10 -7.92 -3.17
C LEU B 251 9.39 -7.11 -3.22
N ILE B 252 9.26 -5.80 -3.09
CA ILE B 252 10.42 -4.91 -3.16
C ILE B 252 10.48 -4.04 -1.91
N ILE B 253 11.64 -4.07 -1.25
CA ILE B 253 11.83 -3.36 0.01
C ILE B 253 12.94 -2.33 -0.14
N ASP B 254 12.61 -1.06 0.08
CA ASP B 254 13.60 -0.01 -0.08
C ASP B 254 14.25 0.32 1.24
N ALA B 255 15.41 -0.32 1.46
CA ALA B 255 16.26 -0.02 2.60
C ALA B 255 17.49 0.81 2.19
N ALA B 256 17.36 1.59 1.13
CA ALA B 256 18.39 2.53 0.71
C ALA B 256 17.84 3.95 0.80
N CYS B 257 16.66 4.16 0.21
CA CYS B 257 15.79 5.30 0.51
C CYS B 257 16.01 6.63 -0.25
N HIS B 258 16.91 6.64 -1.23
CA HIS B 258 17.03 7.81 -2.09
C HIS B 258 15.67 7.91 -2.79
N PRO B 259 15.13 9.14 -2.89
CA PRO B 259 13.76 9.32 -3.39
C PRO B 259 13.53 8.83 -4.82
N SER B 260 14.60 8.64 -5.60
CA SER B 260 14.45 8.20 -6.99
C SER B 260 14.19 6.70 -7.11
N ILE B 261 14.38 5.98 -6.00
CA ILE B 261 14.26 4.54 -6.00
C ILE B 261 12.85 4.04 -6.29
N LEU B 262 11.86 4.63 -5.65
CA LEU B 262 10.46 4.22 -5.80
C LEU B 262 10.02 4.08 -7.26
N LYS B 263 10.34 5.07 -8.07
CA LYS B 263 10.03 5.05 -9.49
C LYS B 263 10.67 3.85 -10.23
N GLU B 264 11.92 3.54 -9.91
CA GLU B 264 12.56 2.38 -10.51
C GLU B 264 11.88 1.09 -10.01
N ALA B 265 11.61 1.01 -8.71
CA ALA B 265 10.98 -0.18 -8.13
C ALA B 265 9.67 -0.49 -8.84
N VAL B 266 8.93 0.57 -9.16
CA VAL B 266 7.67 0.43 -9.86
C VAL B 266 7.86 -0.21 -11.23
N THR B 267 8.86 0.25 -11.97
CA THR B 267 9.20 -0.32 -13.27
C THR B 267 9.62 -1.79 -13.15
N LEU B 268 10.45 -2.10 -12.16
CA LEU B 268 10.97 -3.45 -12.00
C LEU B 268 9.90 -4.45 -11.57
N ALA B 269 8.88 -3.96 -10.89
CA ALA B 269 7.94 -4.83 -10.19
C ALA B 269 7.12 -5.74 -11.10
N SER B 270 6.89 -6.96 -10.64
CA SER B 270 5.88 -7.80 -11.27
C SER B 270 4.54 -7.10 -11.13
N PRO B 271 3.62 -7.34 -12.07
CA PRO B 271 2.21 -7.04 -11.83
C PRO B 271 1.81 -7.65 -10.50
N ALA B 272 0.95 -6.96 -9.76
CA ALA B 272 0.42 -7.43 -8.48
C ALA B 272 1.44 -7.47 -7.34
N ALA B 273 2.63 -6.89 -7.57
CA ALA B 273 3.65 -6.87 -6.54
C ALA B 273 3.35 -5.86 -5.42
N ARG B 274 4.10 -5.95 -4.32
CA ARG B 274 4.02 -4.89 -3.33
C ARG B 274 5.42 -4.34 -3.00
N ILE B 275 5.44 -3.07 -2.62
CA ILE B 275 6.65 -2.33 -2.33
C ILE B 275 6.56 -1.79 -0.92
N VAL B 276 7.65 -1.89 -0.16
CA VAL B 276 7.70 -1.28 1.18
C VAL B 276 8.78 -0.21 1.24
N LEU B 277 8.35 1.03 1.49
CA LEU B 277 9.28 2.14 1.66
C LEU B 277 9.72 2.32 3.11
N MET B 278 10.97 2.71 3.31
CA MET B 278 11.46 2.98 4.66
C MET B 278 12.02 4.41 4.83
N GLY B 279 12.03 5.16 3.74
CA GLY B 279 12.77 6.41 3.68
C GLY B 279 11.99 7.61 4.16
N PHE B 280 12.70 8.65 4.56
CA PHE B 280 12.08 9.86 5.09
C PHE B 280 12.47 11.10 4.30
N SER B 281 12.83 10.92 3.04
CA SER B 281 13.31 12.04 2.23
C SER B 281 12.31 13.19 2.17
N SER B 282 12.80 14.41 2.40
CA SER B 282 11.99 15.60 2.22
C SER B 282 11.99 16.04 0.76
N GLU B 283 12.83 15.39 -0.04
CA GLU B 283 12.87 15.62 -1.48
C GLU B 283 11.79 14.79 -2.20
N PRO B 284 11.23 15.33 -3.29
CA PRO B 284 10.13 14.67 -4.00
C PRO B 284 10.53 13.38 -4.71
N SER B 285 9.66 12.38 -4.60
CA SER B 285 9.72 11.20 -5.45
C SER B 285 8.73 11.41 -6.57
N GLU B 286 9.18 11.27 -7.81
CA GLU B 286 8.28 11.37 -8.95
C GLU B 286 7.80 9.98 -9.36
N VAL B 287 6.49 9.80 -9.44
CA VAL B 287 5.92 8.54 -9.93
C VAL B 287 4.86 8.79 -10.97
N ILE B 288 4.62 7.77 -11.81
CA ILE B 288 3.59 7.84 -12.83
C ILE B 288 2.55 6.82 -12.45
N GLN B 289 1.33 7.25 -12.17
CA GLN B 289 0.31 6.32 -11.67
C GLN B 289 -0.08 5.25 -12.68
N GLN B 290 0.00 5.58 -13.96
CA GLN B 290 -0.17 4.57 -14.99
C GLN B 290 0.68 3.32 -14.70
N GLY B 291 1.92 3.51 -14.27
CA GLY B 291 2.79 2.38 -14.00
C GLY B 291 2.43 1.63 -12.72
N ILE B 292 1.70 2.32 -11.84
CA ILE B 292 1.36 1.74 -10.54
C ILE B 292 0.03 1.01 -10.64
N THR B 293 -0.99 1.77 -10.97
CA THR B 293 -2.33 1.22 -11.08
C THR B 293 -2.40 0.16 -12.18
N GLY B 294 -1.66 0.37 -13.27
CA GLY B 294 -1.61 -0.62 -14.34
C GLY B 294 -1.16 -2.00 -13.88
N LYS B 295 -0.33 -2.06 -12.85
CA LYS B 295 0.14 -3.31 -12.25
C LYS B 295 -0.56 -3.64 -10.93
N GLU B 296 -1.53 -2.80 -10.56
CA GLU B 296 -2.17 -2.85 -9.26
C GLU B 296 -1.15 -3.09 -8.14
N LEU B 297 -0.09 -2.29 -8.13
CA LEU B 297 0.92 -2.36 -7.09
C LEU B 297 0.39 -1.88 -5.74
N SER B 298 0.96 -2.39 -4.66
CA SER B 298 0.68 -1.87 -3.33
C SER B 298 1.94 -1.23 -2.82
N ILE B 299 1.83 -0.02 -2.30
CA ILE B 299 3.00 0.63 -1.74
C ILE B 299 2.80 0.88 -0.25
N PHE B 300 3.49 0.09 0.56
CA PHE B 300 3.45 0.24 2.00
C PHE B 300 4.61 1.12 2.45
N SER B 301 4.47 1.66 3.66
CA SER B 301 5.62 2.29 4.32
C SER B 301 5.79 1.70 5.70
N SER B 302 6.95 1.91 6.29
CA SER B 302 7.25 1.28 7.56
C SER B 302 7.99 2.31 8.40
N ARG B 303 7.52 2.53 9.61
CA ARG B 303 8.18 3.44 10.55
C ARG B 303 8.34 2.77 11.89
N LEU B 304 9.58 2.72 12.39
CA LEU B 304 9.87 2.20 13.71
C LEU B 304 9.27 0.79 13.83
N ASN B 305 8.65 0.46 14.97
CA ASN B 305 8.02 -0.86 15.11
C ASN B 305 6.68 -0.80 15.82
N ALA B 306 5.72 -1.58 15.32
CA ALA B 306 4.44 -1.71 16.01
C ALA B 306 4.48 -2.91 16.96
N ASN B 307 4.95 -2.66 18.18
CA ASN B 307 5.13 -3.70 19.20
C ASN B 307 5.73 -5.00 18.66
N LYS B 308 6.91 -4.90 18.06
CA LYS B 308 7.55 -6.07 17.48
C LYS B 308 8.54 -6.73 18.44
N PHE B 309 8.75 -6.16 19.62
CA PHE B 309 9.76 -6.72 20.52
C PHE B 309 9.52 -8.21 20.89
N PRO B 310 8.27 -8.59 21.25
CA PRO B 310 7.99 -10.00 21.54
C PRO B 310 8.34 -10.95 20.39
N VAL B 311 7.95 -10.63 19.17
CA VAL B 311 8.21 -11.57 18.07
C VAL B 311 9.72 -11.69 17.77
N VAL B 312 10.44 -10.59 17.87
CA VAL B 312 11.86 -10.66 17.62
C VAL B 312 12.57 -11.46 18.70
N ILE B 313 12.17 -11.26 19.95
CA ILE B 313 12.70 -12.06 21.06
C ILE B 313 12.42 -13.55 20.78
N ASP B 314 11.24 -13.83 20.24
CA ASP B 314 10.92 -15.21 19.85
C ASP B 314 11.89 -15.74 18.79
N TRP B 315 12.17 -14.92 17.78
CA TRP B 315 13.11 -15.29 16.72
C TRP B 315 14.51 -15.58 17.28
N LEU B 316 14.91 -14.75 18.24
CA LEU B 316 16.21 -14.91 18.87
C LEU B 316 16.27 -16.22 19.63
N SER B 317 15.19 -16.52 20.36
CA SER B 317 15.09 -17.79 21.08
C SER B 317 15.23 -19.00 20.18
N LYS B 318 14.77 -18.87 18.94
CA LYS B 318 14.73 -19.98 18.02
C LYS B 318 15.91 -20.01 17.08
N GLY B 319 16.79 -19.02 17.22
CA GLY B 319 17.99 -18.91 16.40
C GLY B 319 17.69 -18.64 14.95
N LEU B 320 16.58 -17.94 14.69
CA LEU B 320 16.17 -17.67 13.32
C LEU B 320 16.95 -16.51 12.69
N ILE B 321 17.52 -15.64 13.51
CA ILE B 321 18.33 -14.52 13.02
C ILE B 321 19.70 -14.59 13.69
N LYS B 322 20.68 -13.86 13.15
CA LYS B 322 22.07 -14.00 13.59
C LYS B 322 22.75 -12.66 13.77
N PRO B 323 22.49 -11.98 14.90
CA PRO B 323 23.05 -10.63 15.10
C PRO B 323 24.59 -10.59 15.06
N GLU B 324 25.26 -11.70 15.41
CA GLU B 324 26.72 -11.69 15.44
C GLU B 324 27.29 -11.35 14.09
N LYS B 325 26.55 -11.66 13.03
CA LYS B 325 26.99 -11.38 11.68
C LYS B 325 27.08 -9.87 11.40
N LEU B 326 26.37 -9.06 12.19
CA LEU B 326 26.24 -7.65 11.86
C LEU B 326 27.05 -6.74 12.77
N ILE B 327 27.34 -7.23 13.98
CA ILE B 327 28.10 -6.43 14.94
C ILE B 327 29.57 -6.49 14.55
N THR B 328 30.15 -5.33 14.28
CA THR B 328 31.55 -5.31 13.86
C THR B 328 32.50 -4.69 14.89
N HIS B 329 32.02 -3.70 15.65
CA HIS B 329 32.87 -3.00 16.61
C HIS B 329 32.18 -2.76 17.95
N THR B 330 32.98 -2.65 19.01
CA THR B 330 32.48 -2.35 20.34
C THR B 330 33.40 -1.36 21.04
N PHE B 331 32.86 -0.21 21.44
CA PHE B 331 33.59 0.83 22.15
C PHE B 331 33.02 1.00 23.55
N ASP B 332 33.86 1.37 24.50
CA ASP B 332 33.33 1.81 25.78
C ASP B 332 32.60 3.11 25.52
N PHE B 333 31.57 3.40 26.32
CA PHE B 333 30.71 4.56 26.05
C PHE B 333 31.45 5.90 26.12
N GLN B 334 32.54 5.95 26.89
CA GLN B 334 33.34 7.16 26.98
C GLN B 334 33.94 7.52 25.62
N HIS B 335 34.12 6.51 24.77
CA HIS B 335 34.71 6.71 23.45
C HIS B 335 33.65 6.93 22.37
N VAL B 336 32.47 7.39 22.76
CA VAL B 336 31.33 7.48 21.85
C VAL B 336 31.61 8.32 20.59
N ALA B 337 32.37 9.40 20.76
CA ALA B 337 32.72 10.26 19.62
C ALA B 337 33.53 9.47 18.59
N ASP B 338 34.47 8.69 19.07
CA ASP B 338 35.25 7.82 18.19
C ASP B 338 34.37 6.78 17.50
N ALA B 339 33.47 6.18 18.28
CA ALA B 339 32.55 5.17 17.77
C ALA B 339 31.68 5.73 16.65
N ILE B 340 31.12 6.91 16.88
CA ILE B 340 30.26 7.56 15.89
C ILE B 340 31.04 7.95 14.64
N SER B 341 32.27 8.43 14.84
CA SER B 341 33.14 8.77 13.73
C SER B 341 33.30 7.57 12.81
N LEU B 342 33.81 6.48 13.38
CA LEU B 342 34.00 5.23 12.66
C LEU B 342 32.76 4.78 11.91
N PHE B 343 31.63 4.82 12.62
CA PHE B 343 30.35 4.44 12.04
C PHE B 343 30.02 5.31 10.82
N GLU B 344 30.37 6.60 10.89
CA GLU B 344 30.07 7.52 9.81
C GLU B 344 30.97 7.32 8.58
N LEU B 345 32.24 7.05 8.83
CA LEU B 345 33.25 7.09 7.79
C LEU B 345 33.48 5.76 7.06
N ASP B 346 33.28 4.66 7.78
CA ASP B 346 33.69 3.34 7.30
C ASP B 346 32.57 2.52 6.65
N GLN B 347 32.37 2.70 5.35
CA GLN B 347 31.28 2.02 4.63
C GLN B 347 31.56 0.54 4.38
N LYS B 348 32.81 0.21 4.09
CA LYS B 348 33.23 -1.18 4.02
C LYS B 348 33.46 -1.60 5.47
N HIS B 349 33.47 -2.90 5.74
CA HIS B 349 33.97 -3.40 7.03
C HIS B 349 33.33 -2.88 8.34
N CYS B 350 32.56 -1.79 8.28
CA CYS B 350 31.80 -1.38 9.47
C CYS B 350 30.31 -1.51 9.23
N CYS B 351 29.65 -2.20 10.15
CA CYS B 351 28.23 -2.42 10.03
C CYS B 351 27.50 -1.85 11.25
N LYS B 352 27.37 -2.66 12.31
CA LYS B 352 26.78 -2.16 13.55
C LYS B 352 27.83 -1.99 14.64
N VAL B 353 27.76 -0.86 15.35
CA VAL B 353 28.70 -0.53 16.39
C VAL B 353 28.01 -0.40 17.75
N LEU B 354 28.56 -1.06 18.76
CA LEU B 354 27.99 -1.04 20.11
C LEU B 354 28.79 -0.22 21.11
N LEU B 355 28.09 0.35 22.09
CA LEU B 355 28.71 1.04 23.22
C LEU B 355 28.54 0.21 24.48
N THR B 356 29.62 0.03 25.25
CA THR B 356 29.56 -0.76 26.49
C THR B 356 29.53 0.08 27.77
N PHE B 357 29.02 -0.52 28.85
CA PHE B 357 28.90 0.15 30.12
C PHE B 357 29.35 -0.77 31.25
#